data_3MHP
#
_entry.id   3MHP
#
_cell.length_a   47.463
_cell.length_b   48.824
_cell.length_c   71.349
_cell.angle_alpha   106.56
_cell.angle_beta   97.01
_cell.angle_gamma   91.77
#
_symmetry.space_group_name_H-M   'P 1'
#
loop_
_entity.id
_entity.type
_entity.pdbx_description
1 polymer 'Ferredoxin--NADP reductase, leaf isozyme, chloroplastic'
2 polymer TIC62_peptide
3 non-polymer 'FLAVIN-ADENINE DINUCLEOTIDE'
4 water water
#
loop_
_entity_poly.entity_id
_entity_poly.type
_entity_poly.pdbx_seq_one_letter_code
_entity_poly.pdbx_strand_id
1 'polypeptide(L)'
;SKKQDENIVVNKFKPKEPYVGRCLLNTKITGDDAPGETWHMVFSTEGEVPYREGQSIGIVPDGIDKNGKPHKLRLYSIAS
SAIGDFGDSKTVSLCVKRLVYTNDAGEVVKGVCSNFLCDLKPGSEVKITGPVGKEMLMPKDPNATVIMLGTGTGIAPFRS
FLWKMFFEKHEDYQFNGLAWLFLGVPTSSSLLYKEEFEKMKEKAPENFRLDFAVSREQVNDKGEKMYIQTRMAQYAEELW
ELLKKDNTFVYMCGLKGMEKGIDDIMVSLAAKDGIDWIEYKRTLKKAEQWNVEVYL
;
A,B
2 'polypeptide(L)' KTEQPLSPYTAYDDLKPPSSPSPTKP C
#
loop_
_chem_comp.id
_chem_comp.type
_chem_comp.name
_chem_comp.formula
FAD non-polymer 'FLAVIN-ADENINE DINUCLEOTIDE' 'C27 H33 N9 O15 P2'
#
# COMPACT_ATOMS: atom_id res chain seq x y z
N SER A 1 18.02 4.28 26.02
CA SER A 1 18.87 3.96 24.84
C SER A 1 18.65 4.97 23.72
N LYS A 2 19.65 5.15 22.86
CA LYS A 2 19.56 6.09 21.76
C LYS A 2 18.89 5.50 20.52
N LYS A 3 18.87 4.17 20.42
CA LYS A 3 18.28 3.51 19.27
C LYS A 3 17.03 2.72 19.61
N GLN A 4 16.22 2.42 18.59
CA GLN A 4 14.99 1.67 18.78
C GLN A 4 15.31 0.17 18.85
N ASP A 5 15.83 -0.26 20.00
CA ASP A 5 16.21 -1.65 20.18
C ASP A 5 15.36 -2.42 21.20
N GLU A 6 14.14 -1.97 21.40
CA GLU A 6 13.24 -2.61 22.36
C GLU A 6 12.91 -4.01 21.84
N ASN A 7 13.25 -5.01 22.64
CA ASN A 7 13.01 -6.41 22.30
C ASN A 7 13.40 -6.81 20.87
N ILE A 8 14.58 -6.37 20.42
CA ILE A 8 15.07 -6.69 19.08
C ILE A 8 15.27 -8.20 18.96
N VAL A 9 15.17 -8.73 17.74
CA VAL A 9 15.34 -10.15 17.51
C VAL A 9 16.28 -10.42 16.35
N VAL A 10 17.12 -11.45 16.50
CA VAL A 10 18.02 -11.83 15.43
C VAL A 10 18.15 -13.35 15.42
N ASN A 11 18.42 -13.89 14.23
CA ASN A 11 18.62 -15.31 14.05
C ASN A 11 17.46 -16.22 14.46
N LYS A 12 16.23 -15.82 14.18
CA LYS A 12 15.09 -16.68 14.50
C LYS A 12 15.20 -17.86 13.56
N PHE A 13 15.67 -17.59 12.34
CA PHE A 13 15.86 -18.63 11.34
C PHE A 13 17.33 -18.68 10.94
N LYS A 14 17.88 -19.88 10.85
CA LYS A 14 19.28 -20.08 10.49
C LYS A 14 19.38 -20.81 9.16
N PRO A 15 20.55 -20.73 8.50
CA PRO A 15 20.71 -21.41 7.22
C PRO A 15 20.43 -22.91 7.28
N LYS A 16 20.57 -23.50 8.47
CA LYS A 16 20.30 -24.92 8.66
C LYS A 16 18.82 -25.21 8.43
N GLU A 17 17.97 -24.30 8.91
CA GLU A 17 16.52 -24.43 8.75
C GLU A 17 15.93 -23.05 8.46
N PRO A 18 16.08 -22.58 7.22
CA PRO A 18 15.56 -21.27 6.83
C PRO A 18 14.04 -21.20 6.81
N TYR A 19 13.52 -19.98 6.77
CA TYR A 19 12.08 -19.78 6.64
C TYR A 19 11.87 -19.82 5.14
N VAL A 20 10.87 -20.57 4.68
CA VAL A 20 10.61 -20.63 3.24
C VAL A 20 9.47 -19.71 2.86
N GLY A 21 9.81 -18.59 2.24
CA GLY A 21 8.81 -17.63 1.82
C GLY A 21 8.54 -17.76 0.34
N ARG A 22 7.64 -16.93 -0.17
CA ARG A 22 7.31 -16.96 -1.59
C ARG A 22 7.40 -15.55 -2.16
N CYS A 23 7.84 -15.46 -3.41
CA CYS A 23 7.93 -14.17 -4.08
C CYS A 23 6.51 -13.77 -4.47
N LEU A 24 6.09 -12.57 -4.07
CA LEU A 24 4.75 -12.08 -4.39
C LEU A 24 4.83 -11.14 -5.60
N LEU A 25 5.87 -10.32 -5.62
CA LEU A 25 6.11 -9.36 -6.69
C LEU A 25 7.61 -9.18 -6.87
N ASN A 26 8.04 -8.93 -8.10
CA ASN A 26 9.45 -8.68 -8.39
C ASN A 26 9.45 -7.73 -9.57
N THR A 27 10.01 -6.53 -9.35
CA THR A 27 10.01 -5.49 -10.37
C THR A 27 11.38 -4.85 -10.59
N LYS A 28 11.77 -4.67 -11.84
CA LYS A 28 13.04 -4.02 -12.12
C LYS A 28 12.74 -2.53 -11.95
N ILE A 29 13.50 -1.84 -11.11
CA ILE A 29 13.23 -0.42 -10.87
C ILE A 29 14.22 0.57 -11.48
N THR A 30 15.12 0.07 -12.32
CA THR A 30 16.09 0.93 -12.98
C THR A 30 15.81 0.95 -14.49
N GLY A 31 16.17 2.05 -15.15
CA GLY A 31 15.94 2.17 -16.58
C GLY A 31 16.78 1.17 -17.36
N ASP A 32 16.28 0.75 -18.52
CA ASP A 32 16.98 -0.22 -19.36
C ASP A 32 18.42 0.18 -19.70
N ASP A 33 18.72 1.46 -19.64
CA ASP A 33 20.05 1.95 -19.99
C ASP A 33 21.01 2.13 -18.79
N ALA A 34 20.54 1.84 -17.59
CA ALA A 34 21.39 1.97 -16.41
C ALA A 34 22.58 1.01 -16.52
N PRO A 35 23.72 1.34 -15.89
CA PRO A 35 24.91 0.48 -15.94
C PRO A 35 24.60 -0.95 -15.52
N GLY A 36 23.78 -1.10 -14.49
CA GLY A 36 23.40 -2.41 -14.00
C GLY A 36 21.92 -2.40 -13.68
N GLU A 37 21.37 -3.55 -13.31
CA GLU A 37 19.94 -3.63 -12.98
C GLU A 37 19.72 -3.77 -11.49
N THR A 38 18.71 -3.07 -10.99
CA THR A 38 18.35 -3.16 -9.57
C THR A 38 16.86 -3.50 -9.53
N TRP A 39 16.51 -4.47 -8.70
CA TRP A 39 15.13 -4.94 -8.57
C TRP A 39 14.57 -4.78 -7.18
N HIS A 40 13.27 -4.51 -7.09
CA HIS A 40 12.58 -4.40 -5.81
C HIS A 40 11.66 -5.61 -5.74
N MET A 41 11.85 -6.44 -4.72
CA MET A 41 11.04 -7.65 -4.58
C MET A 41 10.34 -7.74 -3.24
N VAL A 42 9.14 -8.30 -3.26
CA VAL A 42 8.33 -8.45 -2.06
C VAL A 42 8.12 -9.95 -1.80
N PHE A 43 8.51 -10.41 -0.61
CA PHE A 43 8.36 -11.82 -0.23
C PHE A 43 7.35 -11.99 0.91
N SER A 44 6.60 -13.08 0.86
CA SER A 44 5.65 -13.37 1.93
C SER A 44 6.44 -13.97 3.08
N THR A 45 6.08 -13.62 4.31
CA THR A 45 6.77 -14.14 5.49
C THR A 45 5.76 -14.69 6.50
N GLU A 46 4.48 -14.53 6.22
CA GLU A 46 3.42 -14.99 7.12
C GLU A 46 3.58 -14.30 8.47
N GLY A 47 4.40 -13.25 8.49
CA GLY A 47 4.65 -12.52 9.72
C GLY A 47 5.59 -13.25 10.66
N GLU A 48 6.23 -14.30 10.16
CA GLU A 48 7.15 -15.11 10.96
C GLU A 48 8.56 -14.58 11.17
N VAL A 49 8.95 -13.57 10.40
CA VAL A 49 10.28 -12.98 10.53
C VAL A 49 10.13 -11.63 11.23
N PRO A 50 10.43 -11.56 12.54
CA PRO A 50 10.34 -10.37 13.39
C PRO A 50 11.39 -9.29 13.21
N TYR A 51 11.51 -8.77 11.99
CA TYR A 51 12.51 -7.74 11.70
C TYR A 51 12.05 -6.33 11.97
N ARG A 52 13.00 -5.41 12.05
CA ARG A 52 12.69 -4.01 12.25
C ARG A 52 13.58 -3.18 11.33
N GLU A 53 13.25 -1.89 11.23
CA GLU A 53 13.98 -0.97 10.37
C GLU A 53 15.50 -0.99 10.59
N GLY A 54 16.27 -1.13 9.51
CA GLY A 54 17.72 -1.14 9.65
C GLY A 54 18.35 -2.52 9.65
N GLN A 55 17.55 -3.56 9.86
CA GLN A 55 18.08 -4.91 9.86
C GLN A 55 18.20 -5.50 8.46
N SER A 56 18.84 -6.66 8.37
CA SER A 56 19.00 -7.34 7.10
C SER A 56 18.44 -8.74 7.27
N ILE A 57 18.30 -9.46 6.16
CA ILE A 57 17.90 -10.85 6.22
C ILE A 57 18.90 -11.57 5.34
N GLY A 58 19.10 -12.85 5.61
CA GLY A 58 20.02 -13.61 4.80
C GLY A 58 19.19 -14.38 3.79
N ILE A 59 19.77 -14.64 2.62
CA ILE A 59 19.10 -15.42 1.59
C ILE A 59 20.02 -16.55 1.19
N VAL A 60 19.50 -17.77 1.18
CA VAL A 60 20.28 -18.92 0.75
C VAL A 60 19.73 -19.22 -0.65
N PRO A 61 20.48 -18.84 -1.69
CA PRO A 61 20.02 -19.09 -3.07
C PRO A 61 19.94 -20.57 -3.38
N ASP A 62 18.99 -20.95 -4.23
CA ASP A 62 18.83 -22.35 -4.59
C ASP A 62 20.07 -22.90 -5.28
N GLY A 63 20.22 -24.22 -5.23
CA GLY A 63 21.35 -24.86 -5.87
C GLY A 63 22.43 -25.31 -4.91
N ILE A 64 23.61 -25.58 -5.45
CA ILE A 64 24.76 -26.01 -4.66
C ILE A 64 26.02 -25.41 -5.27
N ASP A 65 27.05 -25.24 -4.46
CA ASP A 65 28.30 -24.68 -4.97
C ASP A 65 29.19 -25.76 -5.57
N LYS A 66 30.42 -25.38 -5.92
CA LYS A 66 31.38 -26.29 -6.54
C LYS A 66 31.70 -27.54 -5.73
N ASN A 67 31.63 -27.46 -4.42
CA ASN A 67 31.94 -28.61 -3.58
C ASN A 67 30.73 -29.35 -3.05
N GLY A 68 29.63 -29.27 -3.81
CA GLY A 68 28.40 -29.97 -3.45
C GLY A 68 27.67 -29.56 -2.19
N LYS A 69 27.96 -28.37 -1.67
CA LYS A 69 27.30 -27.91 -0.46
C LYS A 69 26.32 -26.79 -0.78
N PRO A 70 25.29 -26.61 0.06
CA PRO A 70 24.33 -25.53 -0.21
C PRO A 70 25.07 -24.20 -0.25
N HIS A 71 24.59 -23.26 -1.06
CA HIS A 71 25.23 -21.96 -1.14
C HIS A 71 25.20 -21.29 0.23
N LYS A 72 26.24 -20.52 0.53
CA LYS A 72 26.31 -19.81 1.79
C LYS A 72 25.32 -18.66 1.65
N LEU A 73 24.75 -18.22 2.75
CA LEU A 73 23.79 -17.12 2.69
C LEU A 73 24.49 -15.80 2.33
N ARG A 74 23.72 -14.90 1.72
CA ARG A 74 24.18 -13.56 1.38
C ARG A 74 23.22 -12.65 2.12
N LEU A 75 23.73 -11.55 2.68
CA LEU A 75 22.88 -10.63 3.42
C LEU A 75 22.34 -9.51 2.55
N TYR A 76 21.11 -9.09 2.83
CA TYR A 76 20.48 -8.00 2.10
C TYR A 76 19.76 -7.09 3.08
N SER A 77 20.03 -5.79 3.01
CA SER A 77 19.38 -4.83 3.90
C SER A 77 17.89 -4.83 3.58
N ILE A 78 17.05 -4.87 4.61
CA ILE A 78 15.62 -4.86 4.39
C ILE A 78 15.18 -3.50 3.88
N ALA A 79 14.50 -3.49 2.74
CA ALA A 79 14.06 -2.24 2.12
C ALA A 79 12.68 -1.75 2.55
N SER A 80 11.94 -2.61 3.22
CA SER A 80 10.60 -2.26 3.68
C SER A 80 10.65 -1.92 5.17
N SER A 81 9.64 -1.19 5.65
CA SER A 81 9.59 -0.88 7.08
C SER A 81 9.16 -2.19 7.74
N ALA A 82 9.13 -2.20 9.07
CA ALA A 82 8.77 -3.41 9.81
C ALA A 82 7.42 -4.02 9.43
N ILE A 83 6.45 -3.19 9.04
CA ILE A 83 5.14 -3.71 8.68
C ILE A 83 5.01 -4.16 7.22
N GLY A 84 6.08 -3.96 6.45
CA GLY A 84 6.06 -4.38 5.05
C GLY A 84 5.37 -3.41 4.10
N ASP A 85 5.65 -3.58 2.81
CA ASP A 85 5.09 -2.70 1.78
C ASP A 85 3.56 -2.73 1.66
N PHE A 86 2.91 -3.73 2.25
CA PHE A 86 1.44 -3.82 2.19
C PHE A 86 0.80 -3.27 3.45
N GLY A 87 1.62 -3.04 4.47
CA GLY A 87 1.11 -2.52 5.74
C GLY A 87 0.41 -3.55 6.61
N ASP A 88 0.53 -4.82 6.24
CA ASP A 88 -0.12 -5.91 6.99
C ASP A 88 0.82 -6.74 7.86
N SER A 89 2.11 -6.39 7.87
CA SER A 89 3.12 -7.10 8.64
C SER A 89 3.28 -8.56 8.23
N LYS A 90 3.03 -8.87 6.96
CA LYS A 90 3.14 -10.24 6.47
C LYS A 90 4.16 -10.39 5.35
N THR A 91 4.95 -9.35 5.09
CA THR A 91 5.94 -9.38 4.02
C THR A 91 7.25 -8.68 4.38
N VAL A 92 8.24 -8.86 3.51
CA VAL A 92 9.55 -8.24 3.65
C VAL A 92 10.03 -7.95 2.22
N SER A 93 10.69 -6.81 2.01
CA SER A 93 11.16 -6.46 0.67
C SER A 93 12.64 -6.21 0.62
N LEU A 94 13.24 -6.50 -0.54
CA LEU A 94 14.66 -6.29 -0.75
C LEU A 94 14.88 -5.44 -2.01
N CYS A 95 16.01 -4.75 -2.01
CA CYS A 95 16.43 -3.89 -3.12
C CYS A 95 17.73 -4.56 -3.55
N VAL A 96 17.68 -5.31 -4.65
CA VAL A 96 18.83 -6.07 -5.11
C VAL A 96 19.46 -5.64 -6.42
N LYS A 97 20.78 -5.47 -6.40
CA LYS A 97 21.52 -5.11 -7.60
C LYS A 97 22.03 -6.41 -8.23
N ARG A 98 21.74 -6.60 -9.51
CA ARG A 98 22.20 -7.82 -10.19
C ARG A 98 23.71 -7.67 -10.39
N LEU A 99 24.49 -8.56 -9.79
CA LEU A 99 25.95 -8.48 -9.93
C LEU A 99 26.43 -9.17 -11.20
N VAL A 100 26.91 -8.37 -12.14
CA VAL A 100 27.41 -8.86 -13.42
C VAL A 100 28.54 -7.93 -13.86
N TYR A 101 29.72 -8.50 -14.10
CA TYR A 101 30.84 -7.69 -14.53
C TYR A 101 31.85 -8.52 -15.32
N THR A 102 32.65 -7.85 -16.12
CA THR A 102 33.66 -8.51 -16.94
C THR A 102 35.02 -8.20 -16.34
N ASN A 103 35.81 -9.24 -16.07
CA ASN A 103 37.13 -9.04 -15.50
C ASN A 103 38.15 -8.72 -16.60
N ASP A 104 39.42 -8.59 -16.22
CA ASP A 104 40.46 -8.26 -17.18
C ASP A 104 40.69 -9.34 -18.23
N ALA A 105 40.39 -10.59 -17.90
CA ALA A 105 40.58 -11.69 -18.83
C ALA A 105 39.42 -11.82 -19.82
N GLY A 106 38.43 -10.95 -19.67
CA GLY A 106 37.28 -10.97 -20.57
C GLY A 106 36.22 -11.96 -20.14
N GLU A 107 36.34 -12.47 -18.92
CA GLU A 107 35.39 -13.43 -18.39
C GLU A 107 34.27 -12.70 -17.65
N VAL A 108 33.03 -13.05 -17.94
CA VAL A 108 31.89 -12.42 -17.29
C VAL A 108 31.56 -13.17 -16.01
N VAL A 109 31.42 -12.43 -14.91
CA VAL A 109 31.09 -12.99 -13.63
C VAL A 109 29.67 -12.62 -13.24
N LYS A 110 28.83 -13.63 -13.03
CA LYS A 110 27.45 -13.40 -12.63
C LYS A 110 27.28 -13.86 -11.18
N GLY A 111 27.07 -12.90 -10.28
CA GLY A 111 26.89 -13.24 -8.88
C GLY A 111 25.78 -14.25 -8.69
N VAL A 112 26.04 -15.27 -7.89
CA VAL A 112 25.06 -16.31 -7.64
C VAL A 112 23.74 -15.86 -7.00
N CYS A 113 23.82 -15.28 -5.81
CA CYS A 113 22.60 -14.88 -5.11
C CYS A 113 21.84 -13.70 -5.72
N SER A 114 22.56 -12.67 -6.16
CA SER A 114 21.89 -11.51 -6.74
C SER A 114 21.11 -11.85 -8.00
N ASN A 115 21.69 -12.67 -8.88
CA ASN A 115 20.99 -13.05 -10.09
C ASN A 115 19.83 -13.98 -9.76
N PHE A 116 20.02 -14.83 -8.76
CA PHE A 116 18.95 -15.74 -8.34
C PHE A 116 17.75 -14.91 -7.90
N LEU A 117 18.01 -13.90 -7.07
CA LEU A 117 16.95 -13.04 -6.56
C LEU A 117 16.26 -12.22 -7.65
N CYS A 118 17.04 -11.58 -8.51
CA CYS A 118 16.46 -10.78 -9.57
C CYS A 118 15.71 -11.64 -10.60
N ASP A 119 16.01 -12.93 -10.62
CA ASP A 119 15.34 -13.86 -11.55
C ASP A 119 14.09 -14.49 -10.94
N LEU A 120 13.88 -14.29 -9.64
CA LEU A 120 12.70 -14.86 -8.99
C LEU A 120 11.40 -14.37 -9.61
N LYS A 121 10.46 -15.29 -9.77
CA LYS A 121 9.17 -14.96 -10.34
C LYS A 121 8.08 -15.15 -9.28
N PRO A 122 6.98 -14.38 -9.38
CA PRO A 122 5.91 -14.53 -8.40
C PRO A 122 5.52 -15.99 -8.24
N GLY A 123 5.42 -16.44 -7.00
CA GLY A 123 5.06 -17.82 -6.75
C GLY A 123 6.22 -18.71 -6.37
N SER A 124 7.43 -18.33 -6.77
CA SER A 124 8.62 -19.12 -6.45
C SER A 124 9.00 -19.00 -4.99
N GLU A 125 9.64 -20.04 -4.46
CA GLU A 125 10.06 -20.02 -3.06
C GLU A 125 11.46 -19.42 -2.88
N VAL A 126 11.69 -18.86 -1.71
CA VAL A 126 12.98 -18.26 -1.37
C VAL A 126 13.31 -18.56 0.09
N LYS A 127 14.53 -19.03 0.33
CA LYS A 127 14.99 -19.39 1.68
C LYS A 127 15.53 -18.18 2.41
N ILE A 128 14.88 -17.84 3.52
CA ILE A 128 15.22 -16.66 4.32
C ILE A 128 15.77 -16.98 5.71
N THR A 129 16.77 -16.22 6.12
CA THR A 129 17.36 -16.37 7.45
C THR A 129 17.38 -15.01 8.14
N GLY A 130 17.52 -15.00 9.46
CA GLY A 130 17.56 -13.75 10.19
C GLY A 130 16.45 -13.59 11.21
N PRO A 131 16.11 -12.34 11.58
CA PRO A 131 16.72 -11.09 11.09
C PRO A 131 18.18 -11.02 11.47
N VAL A 132 18.91 -10.08 10.87
CA VAL A 132 20.33 -9.92 11.15
C VAL A 132 20.74 -8.48 11.41
N GLY A 133 21.58 -8.29 12.43
CA GLY A 133 22.10 -6.97 12.74
C GLY A 133 21.38 -6.03 13.69
N LYS A 134 22.14 -5.07 14.20
CA LYS A 134 21.63 -4.05 15.11
C LYS A 134 22.37 -2.74 14.89
N GLU A 135 23.41 -2.78 14.06
CA GLU A 135 24.21 -1.58 13.79
C GLU A 135 23.46 -0.43 13.13
N MET A 136 22.42 -0.73 12.36
CA MET A 136 21.69 0.33 11.66
C MET A 136 20.28 0.61 12.17
N LEU A 137 20.03 0.37 13.44
CA LEU A 137 18.69 0.64 13.98
C LEU A 137 18.47 2.14 14.05
N MET A 138 17.20 2.55 13.97
CA MET A 138 16.80 3.95 13.99
C MET A 138 16.99 4.61 15.36
N PRO A 139 17.12 5.95 15.36
CA PRO A 139 17.27 6.67 16.63
C PRO A 139 15.93 6.65 17.34
N LYS A 140 15.95 6.56 18.67
CA LYS A 140 14.71 6.55 19.43
C LYS A 140 14.09 7.94 19.48
N ASP A 141 14.94 8.97 19.58
CA ASP A 141 14.48 10.35 19.65
C ASP A 141 13.65 10.70 18.41
N PRO A 142 12.35 10.97 18.60
CA PRO A 142 11.46 11.30 17.48
C PRO A 142 11.70 12.70 16.91
N ASN A 143 12.58 13.47 17.56
CA ASN A 143 12.90 14.82 17.11
C ASN A 143 14.36 14.93 16.67
N ALA A 144 15.01 13.78 16.52
CA ALA A 144 16.40 13.76 16.10
C ALA A 144 16.60 14.18 14.66
N THR A 145 17.83 14.58 14.33
CA THR A 145 18.17 14.93 12.96
C THR A 145 18.81 13.63 12.47
N VAL A 146 18.29 13.09 11.37
CA VAL A 146 18.79 11.84 10.83
C VAL A 146 19.33 12.07 9.43
N ILE A 147 20.66 12.00 9.30
CA ILE A 147 21.32 12.18 8.02
C ILE A 147 21.62 10.81 7.45
N MET A 148 21.09 10.54 6.27
CA MET A 148 21.27 9.24 5.62
C MET A 148 22.08 9.37 4.34
N LEU A 149 23.22 8.70 4.32
CA LEU A 149 24.12 8.75 3.18
C LEU A 149 24.17 7.38 2.51
N GLY A 150 23.58 7.27 1.33
CA GLY A 150 23.60 5.99 0.68
C GLY A 150 23.99 6.03 -0.78
N THR A 151 24.54 4.92 -1.26
CA THR A 151 24.89 4.78 -2.67
C THR A 151 24.27 3.49 -3.15
N GLY A 152 23.69 3.51 -4.33
CA GLY A 152 23.07 2.33 -4.88
C GLY A 152 22.09 1.67 -3.94
N THR A 153 22.20 0.35 -3.79
CA THR A 153 21.31 -0.41 -2.93
C THR A 153 21.41 0.03 -1.47
N GLY A 154 22.39 0.86 -1.17
CA GLY A 154 22.53 1.36 0.19
C GLY A 154 21.29 2.15 0.59
N ILE A 155 20.46 2.49 -0.39
CA ILE A 155 19.22 3.22 -0.12
C ILE A 155 18.24 2.37 0.71
N ALA A 156 18.39 1.05 0.64
CA ALA A 156 17.47 0.13 1.30
C ALA A 156 17.06 0.41 2.76
N PRO A 157 18.02 0.47 3.69
CA PRO A 157 17.64 0.74 5.08
C PRO A 157 17.00 2.10 5.25
N PHE A 158 17.35 3.05 4.38
CA PHE A 158 16.81 4.39 4.48
C PHE A 158 15.38 4.44 3.96
N ARG A 159 15.06 3.58 3.00
CA ARG A 159 13.68 3.51 2.51
C ARG A 159 12.87 2.97 3.69
N SER A 160 13.44 1.98 4.38
CA SER A 160 12.80 1.37 5.55
C SER A 160 12.53 2.45 6.61
N PHE A 161 13.57 3.21 6.95
CA PHE A 161 13.46 4.30 7.93
C PHE A 161 12.37 5.31 7.56
N LEU A 162 12.48 5.79 6.33
CA LEU A 162 11.59 6.82 5.81
C LEU A 162 10.12 6.44 5.66
N TRP A 163 9.85 5.18 5.34
CA TRP A 163 8.46 4.76 5.26
C TRP A 163 7.85 4.85 6.67
N LYS A 164 8.60 4.41 7.69
CA LYS A 164 8.07 4.49 9.04
C LYS A 164 7.93 5.95 9.48
N MET A 165 8.94 6.75 9.20
CA MET A 165 8.92 8.16 9.60
C MET A 165 7.85 9.03 8.96
N PHE A 166 7.66 8.88 7.65
CA PHE A 166 6.73 9.74 6.94
C PHE A 166 5.41 9.19 6.41
N PHE A 167 5.25 7.88 6.33
CA PHE A 167 4.00 7.32 5.83
C PHE A 167 3.17 6.63 6.91
N GLU A 168 3.84 6.09 7.92
CA GLU A 168 3.13 5.34 8.96
C GLU A 168 2.70 6.10 10.20
N LYS A 169 1.62 5.61 10.81
CA LYS A 169 1.04 6.16 12.01
C LYS A 169 1.32 5.19 13.15
N HIS A 170 2.11 5.63 14.13
CA HIS A 170 2.46 4.79 15.26
C HIS A 170 2.14 5.46 16.58
N GLU A 171 1.62 4.67 17.51
CA GLU A 171 1.25 5.18 18.82
C GLU A 171 2.44 5.67 19.65
N ASP A 172 3.58 5.00 19.51
CA ASP A 172 4.76 5.39 20.29
C ASP A 172 5.87 6.08 19.51
N TYR A 173 5.57 6.54 18.30
CA TYR A 173 6.59 7.22 17.50
C TYR A 173 6.00 8.16 16.48
N GLN A 174 6.26 9.46 16.64
CA GLN A 174 5.78 10.48 15.74
C GLN A 174 6.98 11.36 15.39
N PHE A 175 7.58 11.10 14.23
CA PHE A 175 8.76 11.85 13.81
C PHE A 175 8.48 13.30 13.49
N ASN A 176 9.23 14.19 14.12
CA ASN A 176 9.07 15.61 13.87
C ASN A 176 10.43 16.29 13.85
N GLY A 177 11.46 15.52 13.52
CA GLY A 177 12.80 16.07 13.45
C GLY A 177 13.12 16.43 12.01
N LEU A 178 14.39 16.27 11.64
CA LEU A 178 14.82 16.58 10.28
C LEU A 178 15.53 15.37 9.70
N ALA A 179 14.98 14.80 8.64
CA ALA A 179 15.58 13.65 7.97
C ALA A 179 16.20 14.20 6.68
N TRP A 180 17.47 13.91 6.45
CA TRP A 180 18.15 14.39 5.25
C TRP A 180 18.75 13.22 4.50
N LEU A 181 18.19 12.92 3.33
CA LEU A 181 18.69 11.81 2.52
C LEU A 181 19.55 12.27 1.34
N PHE A 182 20.74 11.69 1.25
CA PHE A 182 21.65 11.94 0.13
C PHE A 182 21.78 10.58 -0.53
N LEU A 183 21.43 10.46 -1.80
CA LEU A 183 21.56 9.19 -2.50
C LEU A 183 22.44 9.36 -3.74
N GLY A 184 23.51 8.59 -3.79
CA GLY A 184 24.40 8.67 -4.95
C GLY A 184 24.22 7.47 -5.86
N VAL A 185 24.01 7.74 -7.15
CA VAL A 185 23.86 6.70 -8.16
C VAL A 185 24.61 7.21 -9.38
N PRO A 186 25.01 6.30 -10.30
CA PRO A 186 25.75 6.74 -11.48
C PRO A 186 24.98 7.49 -12.56
N THR A 187 23.72 7.11 -12.77
CA THR A 187 22.89 7.73 -13.80
C THR A 187 21.48 8.02 -13.32
N SER A 188 20.74 8.83 -14.09
CA SER A 188 19.37 9.14 -13.72
C SER A 188 18.53 7.86 -13.88
N SER A 189 18.95 6.99 -14.79
CA SER A 189 18.24 5.74 -15.00
C SER A 189 18.50 4.80 -13.83
N SER A 190 19.46 5.17 -12.99
CA SER A 190 19.82 4.35 -11.82
C SER A 190 19.19 4.89 -10.54
N LEU A 191 18.39 5.95 -10.65
CA LEU A 191 17.75 6.50 -9.47
C LEU A 191 16.79 5.44 -8.92
N LEU A 192 16.75 5.31 -7.61
CA LEU A 192 15.89 4.31 -6.98
C LEU A 192 14.83 4.93 -6.10
N TYR A 193 13.58 4.49 -6.29
CA TYR A 193 12.44 4.95 -5.50
C TYR A 193 12.23 6.46 -5.47
N LYS A 194 12.69 7.19 -6.47
CA LYS A 194 12.51 8.65 -6.44
C LYS A 194 11.06 9.09 -6.23
N GLU A 195 10.13 8.45 -6.92
CA GLU A 195 8.71 8.79 -6.81
C GLU A 195 8.27 8.73 -5.34
N GLU A 196 8.74 7.75 -4.60
CA GLU A 196 8.39 7.60 -3.19
C GLU A 196 8.94 8.74 -2.35
N PHE A 197 10.20 9.08 -2.54
CA PHE A 197 10.82 10.15 -1.78
C PHE A 197 10.22 11.51 -2.10
N GLU A 198 9.80 11.70 -3.35
CA GLU A 198 9.18 12.98 -3.71
C GLU A 198 7.84 13.12 -2.99
N LYS A 199 7.13 12.01 -2.79
CA LYS A 199 5.85 12.05 -2.09
C LYS A 199 6.10 12.46 -0.64
N MET A 200 7.16 11.93 -0.05
CA MET A 200 7.49 12.26 1.33
C MET A 200 7.81 13.74 1.45
N LYS A 201 8.53 14.26 0.45
CA LYS A 201 8.91 15.67 0.44
C LYS A 201 7.66 16.56 0.40
N GLU A 202 6.64 16.13 -0.34
CA GLU A 202 5.41 16.90 -0.42
C GLU A 202 4.58 16.79 0.85
N LYS A 203 4.69 15.64 1.52
CA LYS A 203 3.93 15.41 2.75
C LYS A 203 4.54 16.12 3.96
N ALA A 204 5.86 16.21 4.00
CA ALA A 204 6.55 16.86 5.12
C ALA A 204 7.73 17.69 4.61
N PRO A 205 7.44 18.78 3.91
CA PRO A 205 8.49 19.65 3.36
C PRO A 205 9.50 20.21 4.36
N GLU A 206 9.08 20.45 5.60
CA GLU A 206 9.99 21.00 6.60
C GLU A 206 10.74 19.96 7.44
N ASN A 207 10.39 18.69 7.28
CA ASN A 207 11.06 17.65 8.05
C ASN A 207 11.87 16.69 7.21
N PHE A 208 11.82 16.86 5.90
CA PHE A 208 12.55 15.98 4.99
C PHE A 208 13.30 16.75 3.90
N ARG A 209 14.60 16.47 3.78
CA ARG A 209 15.43 17.08 2.76
C ARG A 209 15.89 15.94 1.86
N LEU A 210 15.86 16.18 0.55
CA LEU A 210 16.21 15.15 -0.42
C LEU A 210 17.18 15.63 -1.47
N ASP A 211 18.31 14.93 -1.58
CA ASP A 211 19.34 15.29 -2.56
C ASP A 211 19.91 14.07 -3.25
N PHE A 212 19.92 14.11 -4.58
CA PHE A 212 20.47 13.03 -5.37
C PHE A 212 21.82 13.47 -5.92
N ALA A 213 22.72 12.52 -6.09
CA ALA A 213 24.05 12.78 -6.62
C ALA A 213 24.27 11.78 -7.76
N VAL A 214 24.03 12.23 -8.99
CA VAL A 214 24.16 11.38 -10.17
C VAL A 214 25.57 11.64 -10.72
N SER A 215 26.52 10.80 -10.31
CA SER A 215 27.92 10.99 -10.66
C SER A 215 28.37 11.06 -12.11
N ARG A 216 27.69 10.35 -13.02
CA ARG A 216 28.11 10.38 -14.42
C ARG A 216 27.37 11.43 -15.23
N GLU A 217 26.54 12.22 -14.57
CA GLU A 217 25.77 13.26 -15.25
C GLU A 217 25.96 14.66 -14.68
N GLN A 218 25.71 14.79 -13.39
CA GLN A 218 25.81 16.08 -12.71
C GLN A 218 27.23 16.46 -12.30
N VAL A 219 27.45 17.76 -12.14
CA VAL A 219 28.76 18.25 -11.73
C VAL A 219 28.57 19.50 -10.88
N ASN A 220 29.56 19.82 -10.05
CA ASN A 220 29.47 21.03 -9.24
C ASN A 220 29.89 22.23 -10.10
N ASP A 221 29.95 23.41 -9.50
CA ASP A 221 30.30 24.61 -10.25
C ASP A 221 31.65 24.56 -10.95
N LYS A 222 32.57 23.76 -10.44
CA LYS A 222 33.91 23.66 -11.04
C LYS A 222 34.01 22.59 -12.13
N GLY A 223 32.96 21.78 -12.26
CA GLY A 223 32.96 20.75 -13.28
C GLY A 223 33.36 19.37 -12.76
N GLU A 224 33.37 19.20 -11.44
CA GLU A 224 33.74 17.93 -10.85
C GLU A 224 32.54 16.99 -10.77
N LYS A 225 32.77 15.69 -10.98
CA LYS A 225 31.69 14.70 -10.93
C LYS A 225 30.92 14.76 -9.62
N MET A 226 29.60 14.67 -9.70
CA MET A 226 28.76 14.75 -8.52
C MET A 226 28.63 13.45 -7.75
N TYR A 227 29.66 13.10 -7.00
CA TYR A 227 29.62 11.91 -6.16
C TYR A 227 28.83 12.34 -4.93
N ILE A 228 28.47 11.40 -4.08
CA ILE A 228 27.70 11.77 -2.90
C ILE A 228 28.42 12.84 -2.07
N GLN A 229 29.73 12.70 -1.88
CA GLN A 229 30.47 13.69 -1.09
C GLN A 229 30.51 15.06 -1.76
N THR A 230 30.44 15.06 -3.10
CA THR A 230 30.47 16.30 -3.85
C THR A 230 29.18 17.09 -3.63
N ARG A 231 28.08 16.37 -3.50
CA ARG A 231 26.79 17.01 -3.24
C ARG A 231 26.80 17.50 -1.80
N MET A 232 27.32 16.67 -0.90
CA MET A 232 27.38 17.05 0.51
C MET A 232 28.17 18.35 0.67
N ALA A 233 29.27 18.47 -0.07
CA ALA A 233 30.11 19.67 -0.02
C ALA A 233 29.35 20.94 -0.38
N GLN A 234 28.29 20.81 -1.17
CA GLN A 234 27.50 21.97 -1.57
C GLN A 234 26.65 22.48 -0.41
N TYR A 235 26.60 21.70 0.67
CA TYR A 235 25.87 22.07 1.88
C TYR A 235 26.83 21.98 3.08
N ALA A 236 28.11 22.20 2.83
CA ALA A 236 29.14 22.11 3.86
C ALA A 236 28.80 22.82 5.16
N GLU A 237 28.46 24.11 5.06
CA GLU A 237 28.13 24.91 6.23
C GLU A 237 26.98 24.29 7.04
N GLU A 238 25.87 24.02 6.35
CA GLU A 238 24.69 23.44 6.99
C GLU A 238 24.96 22.09 7.64
N LEU A 239 25.64 21.21 6.92
CA LEU A 239 25.94 19.88 7.45
C LEU A 239 26.89 19.90 8.64
N TRP A 240 27.94 20.71 8.57
CA TRP A 240 28.88 20.76 9.67
C TRP A 240 28.22 21.22 10.97
N GLU A 241 27.34 22.22 10.87
CA GLU A 241 26.66 22.71 12.06
C GLU A 241 25.76 21.63 12.64
N LEU A 242 25.14 20.82 11.79
CA LEU A 242 24.28 19.75 12.27
C LEU A 242 25.10 18.67 12.96
N LEU A 243 26.27 18.39 12.40
CA LEU A 243 27.14 17.36 12.95
C LEU A 243 27.66 17.64 14.35
N LYS A 244 27.61 18.89 14.77
CA LYS A 244 28.07 19.25 16.10
C LYS A 244 26.98 19.11 17.16
N LYS A 245 25.77 18.76 16.74
CA LYS A 245 24.64 18.60 17.67
C LYS A 245 24.54 17.16 18.17
N ASP A 246 24.24 16.99 19.45
CA ASP A 246 24.14 15.67 20.05
C ASP A 246 22.95 14.85 19.54
N ASN A 247 21.95 15.51 18.96
CA ASN A 247 20.78 14.82 18.46
C ASN A 247 20.84 14.56 16.97
N THR A 248 22.03 14.63 16.39
CA THR A 248 22.23 14.37 14.97
C THR A 248 22.86 12.99 14.82
N PHE A 249 22.17 12.11 14.09
CA PHE A 249 22.65 10.76 13.86
C PHE A 249 22.90 10.55 12.38
N VAL A 250 24.10 10.11 12.04
CA VAL A 250 24.46 9.87 10.65
C VAL A 250 24.50 8.38 10.35
N TYR A 251 23.96 8.00 9.20
CA TYR A 251 23.97 6.62 8.76
C TYR A 251 24.56 6.58 7.37
N MET A 252 25.36 5.56 7.10
CA MET A 252 25.99 5.39 5.79
C MET A 252 25.80 3.96 5.34
N CYS A 253 25.33 3.77 4.11
CA CYS A 253 25.10 2.42 3.62
C CYS A 253 25.34 2.36 2.12
N GLY A 254 25.94 1.25 1.68
CA GLY A 254 26.20 1.09 0.27
C GLY A 254 27.50 0.38 -0.02
N LEU A 255 28.00 0.57 -1.23
CA LEU A 255 29.24 -0.07 -1.67
C LEU A 255 30.44 0.43 -0.89
N LYS A 256 31.25 -0.50 -0.40
CA LYS A 256 32.45 -0.13 0.35
C LYS A 256 33.27 0.77 -0.57
N GLY A 257 33.84 1.82 -0.01
CA GLY A 257 34.63 2.73 -0.81
C GLY A 257 33.98 4.09 -0.81
N MET A 258 32.66 4.11 -0.65
CA MET A 258 31.95 5.38 -0.60
C MET A 258 32.43 6.10 0.65
N GLU A 259 32.91 5.32 1.62
CA GLU A 259 33.39 5.85 2.89
C GLU A 259 34.59 6.78 2.74
N LYS A 260 35.50 6.44 1.83
CA LYS A 260 36.69 7.24 1.60
C LYS A 260 36.37 8.64 1.10
N GLY A 261 35.52 8.72 0.08
CA GLY A 261 35.14 10.01 -0.47
C GLY A 261 34.50 10.91 0.57
N ILE A 262 33.65 10.32 1.41
CA ILE A 262 32.98 11.09 2.43
C ILE A 262 33.98 11.60 3.46
N ASP A 263 34.97 10.78 3.81
CA ASP A 263 35.98 11.22 4.78
C ASP A 263 36.74 12.41 4.24
N ASP A 264 37.07 12.37 2.95
CA ASP A 264 37.80 13.46 2.34
C ASP A 264 37.09 14.79 2.55
N ILE A 265 35.80 14.85 2.25
CA ILE A 265 35.05 16.08 2.43
C ILE A 265 34.92 16.46 3.90
N MET A 266 34.74 15.45 4.76
CA MET A 266 34.60 15.69 6.19
C MET A 266 35.90 16.21 6.81
N VAL A 267 37.03 15.73 6.31
CA VAL A 267 38.33 16.16 6.83
C VAL A 267 38.48 17.66 6.58
N SER A 268 38.03 18.11 5.42
CA SER A 268 38.12 19.52 5.07
C SER A 268 37.15 20.35 5.89
N LEU A 269 35.91 19.87 6.01
CA LEU A 269 34.89 20.57 6.78
C LEU A 269 35.32 20.83 8.21
N ALA A 270 35.78 19.78 8.88
CA ALA A 270 36.23 19.89 10.26
C ALA A 270 37.43 20.81 10.38
N ALA A 271 38.39 20.64 9.47
CA ALA A 271 39.61 21.43 9.46
C ALA A 271 39.34 22.94 9.46
N LYS A 272 38.39 23.37 8.65
CA LYS A 272 38.05 24.79 8.58
C LYS A 272 37.57 25.30 9.93
N ASP A 273 37.07 24.39 10.76
CA ASP A 273 36.57 24.74 12.08
C ASP A 273 37.63 24.38 13.13
N GLY A 274 38.85 24.11 12.64
CA GLY A 274 39.97 23.77 13.51
C GLY A 274 39.87 22.43 14.20
N ILE A 275 39.15 21.50 13.58
CA ILE A 275 38.96 20.18 14.15
C ILE A 275 39.52 19.02 13.32
N ASP A 276 40.05 18.00 14.01
CA ASP A 276 40.61 16.83 13.37
C ASP A 276 39.47 15.82 13.19
N TRP A 277 39.00 15.67 11.95
CA TRP A 277 37.90 14.77 11.65
C TRP A 277 38.10 13.32 12.10
N ILE A 278 39.28 12.77 11.89
CA ILE A 278 39.54 11.39 12.28
C ILE A 278 39.20 11.16 13.75
N GLU A 279 39.64 12.07 14.60
CA GLU A 279 39.37 11.94 16.03
C GLU A 279 37.91 12.23 16.34
N TYR A 280 37.35 13.25 15.69
CA TYR A 280 35.96 13.61 15.92
C TYR A 280 35.04 12.45 15.56
N LYS A 281 35.36 11.74 14.49
CA LYS A 281 34.55 10.61 14.04
C LYS A 281 34.52 9.52 15.11
N ARG A 282 35.65 9.27 15.75
CA ARG A 282 35.72 8.25 16.80
C ARG A 282 34.75 8.64 17.90
N THR A 283 34.70 9.92 18.22
CA THR A 283 33.82 10.45 19.25
C THR A 283 32.37 10.19 18.85
N LEU A 284 32.02 10.57 17.62
CA LEU A 284 30.66 10.37 17.13
C LEU A 284 30.27 8.90 17.12
N LYS A 285 31.19 8.05 16.67
CA LYS A 285 30.94 6.62 16.61
C LYS A 285 30.63 6.02 17.97
N LYS A 286 31.39 6.42 18.99
CA LYS A 286 31.17 5.92 20.34
C LYS A 286 29.87 6.45 20.91
N ALA A 287 29.43 7.60 20.40
CA ALA A 287 28.19 8.22 20.87
C ALA A 287 27.00 7.70 20.07
N GLU A 288 27.26 6.71 19.22
CA GLU A 288 26.23 6.08 18.40
C GLU A 288 25.69 7.01 17.31
N GLN A 289 26.46 8.05 16.98
CA GLN A 289 26.06 9.02 15.97
C GLN A 289 26.64 8.84 14.57
N TRP A 290 27.55 7.86 14.41
CA TRP A 290 28.14 7.61 13.10
C TRP A 290 28.02 6.11 12.87
N ASN A 291 26.97 5.74 12.15
CA ASN A 291 26.64 4.35 11.88
C ASN A 291 26.89 3.95 10.43
N VAL A 292 27.81 3.02 10.23
CA VAL A 292 28.21 2.59 8.91
C VAL A 292 28.00 1.11 8.59
N GLU A 293 27.43 0.85 7.42
CA GLU A 293 27.20 -0.50 6.93
C GLU A 293 27.51 -0.52 5.44
N VAL A 294 28.77 -0.75 5.11
CA VAL A 294 29.18 -0.79 3.71
C VAL A 294 29.67 -2.19 3.35
N TYR A 295 29.48 -2.56 2.09
CA TYR A 295 29.85 -3.88 1.61
C TYR A 295 30.51 -3.87 0.23
N LEU A 296 31.36 -4.87 -0.01
CA LEU A 296 32.07 -4.98 -1.28
C LEU A 296 31.19 -5.59 -2.36
N SER B 1 -25.07 7.90 -22.46
CA SER B 1 -25.18 7.57 -21.01
C SER B 1 -24.62 8.69 -20.13
N LYS B 2 -25.16 8.79 -18.92
CA LYS B 2 -24.73 9.81 -17.97
C LYS B 2 -23.61 9.27 -17.09
N LYS B 3 -23.23 8.02 -17.31
CA LYS B 3 -22.19 7.37 -16.52
C LYS B 3 -20.85 7.26 -17.24
N GLN B 4 -19.79 7.00 -16.47
CA GLN B 4 -18.44 6.88 -17.01
C GLN B 4 -18.22 5.55 -17.71
N ASP B 5 -18.74 5.43 -18.93
CA ASP B 5 -18.63 4.21 -19.70
C ASP B 5 -17.73 4.30 -20.93
N GLU B 6 -16.98 5.39 -21.04
CA GLU B 6 -16.08 5.58 -22.17
C GLU B 6 -15.03 4.48 -22.23
N ASN B 7 -14.97 3.78 -23.36
CA ASN B 7 -14.01 2.69 -23.56
C ASN B 7 -14.13 1.62 -22.48
N ILE B 8 -15.34 1.45 -21.96
CA ILE B 8 -15.57 0.45 -20.91
C ILE B 8 -15.22 -0.94 -21.42
N VAL B 9 -14.76 -1.79 -20.52
CA VAL B 9 -14.38 -3.16 -20.87
C VAL B 9 -15.17 -4.17 -20.06
N VAL B 10 -15.75 -5.15 -20.74
CA VAL B 10 -16.50 -6.21 -20.09
C VAL B 10 -16.21 -7.55 -20.75
N ASN B 11 -16.17 -8.60 -19.93
CA ASN B 11 -15.94 -9.95 -20.42
C ASN B 11 -14.63 -10.17 -21.16
N LYS B 12 -13.55 -9.51 -20.72
CA LYS B 12 -12.26 -9.71 -21.36
C LYS B 12 -11.84 -11.15 -21.08
N PHE B 13 -12.10 -11.61 -19.87
CA PHE B 13 -11.77 -12.97 -19.47
C PHE B 13 -13.05 -13.75 -19.21
N LYS B 14 -13.11 -14.96 -19.76
CA LYS B 14 -14.27 -15.83 -19.60
C LYS B 14 -13.92 -17.01 -18.71
N PRO B 15 -14.93 -17.63 -18.08
CA PRO B 15 -14.66 -18.77 -17.19
C PRO B 15 -13.93 -19.93 -17.88
N LYS B 16 -13.95 -19.96 -19.20
CA LYS B 16 -13.27 -21.01 -19.95
C LYS B 16 -11.76 -20.83 -19.90
N GLU B 17 -11.32 -19.57 -19.85
CA GLU B 17 -9.90 -19.25 -19.80
C GLU B 17 -9.75 -18.01 -18.92
N PRO B 18 -9.92 -18.18 -17.60
CA PRO B 18 -9.82 -17.06 -16.65
C PRO B 18 -8.43 -16.46 -16.57
N TYR B 19 -8.36 -15.25 -16.01
CA TYR B 19 -7.07 -14.60 -15.80
C TYR B 19 -6.63 -15.19 -14.46
N VAL B 20 -5.38 -15.61 -14.37
CA VAL B 20 -4.90 -16.19 -13.12
C VAL B 20 -4.10 -15.16 -12.32
N GLY B 21 -4.72 -14.64 -11.28
CA GLY B 21 -4.05 -13.66 -10.45
C GLY B 21 -3.45 -14.31 -9.22
N ARG B 22 -2.79 -13.53 -8.38
CA ARG B 22 -2.19 -14.06 -7.18
C ARG B 22 -2.59 -13.19 -6.00
N CYS B 23 -2.90 -13.83 -4.88
CA CYS B 23 -3.30 -13.10 -3.69
C CYS B 23 -2.08 -12.40 -3.10
N LEU B 24 -2.21 -11.09 -2.88
CA LEU B 24 -1.12 -10.31 -2.29
C LEU B 24 -1.35 -10.18 -0.79
N LEU B 25 -2.60 -9.93 -0.39
CA LEU B 25 -2.92 -9.82 1.02
C LEU B 25 -4.38 -10.22 1.25
N ASN B 26 -4.69 -10.61 2.48
CA ASN B 26 -6.04 -11.03 2.84
C ASN B 26 -6.16 -10.79 4.34
N THR B 27 -6.96 -9.80 4.71
CA THR B 27 -7.12 -9.44 6.11
C THR B 27 -8.58 -9.37 6.55
N LYS B 28 -8.87 -9.90 7.73
CA LYS B 28 -10.23 -9.86 8.26
C LYS B 28 -10.46 -8.43 8.74
N ILE B 29 -11.47 -7.77 8.20
CA ILE B 29 -11.74 -6.39 8.60
C ILE B 29 -12.85 -6.22 9.63
N THR B 30 -13.55 -7.32 9.95
CA THR B 30 -14.58 -7.26 10.98
C THR B 30 -13.89 -7.50 12.30
N GLY B 31 -14.41 -6.94 13.37
CA GLY B 31 -13.81 -7.14 14.68
C GLY B 31 -14.06 -8.55 15.17
N ASP B 32 -13.24 -9.04 16.08
CA ASP B 32 -13.40 -10.38 16.63
C ASP B 32 -14.79 -10.57 17.22
N ASP B 33 -15.37 -9.49 17.75
CA ASP B 33 -16.68 -9.55 18.38
C ASP B 33 -17.86 -9.56 17.40
N ALA B 34 -17.59 -9.39 16.11
CA ALA B 34 -18.67 -9.40 15.13
C ALA B 34 -19.24 -10.81 15.02
N PRO B 35 -20.54 -10.93 14.71
CA PRO B 35 -21.14 -12.27 14.60
C PRO B 35 -20.62 -13.07 13.41
N GLY B 36 -20.17 -12.38 12.36
CA GLY B 36 -19.66 -13.07 11.19
C GLY B 36 -18.25 -12.62 10.84
N GLU B 37 -17.77 -12.96 9.65
CA GLU B 37 -16.44 -12.57 9.21
C GLU B 37 -16.46 -11.98 7.81
N THR B 38 -15.80 -10.84 7.63
CA THR B 38 -15.69 -10.24 6.30
C THR B 38 -14.21 -9.94 6.11
N TRP B 39 -13.69 -10.34 4.96
CA TRP B 39 -12.29 -10.17 4.65
C TRP B 39 -12.02 -9.25 3.46
N HIS B 40 -10.95 -8.47 3.57
CA HIS B 40 -10.54 -7.57 2.48
C HIS B 40 -9.32 -8.24 1.86
N MET B 41 -9.38 -8.53 0.56
CA MET B 41 -8.29 -9.19 -0.11
C MET B 41 -7.86 -8.46 -1.38
N VAL B 42 -6.57 -8.55 -1.69
CA VAL B 42 -6.01 -7.90 -2.87
C VAL B 42 -5.31 -8.92 -3.76
N PHE B 43 -5.59 -8.88 -5.06
CA PHE B 43 -4.95 -9.79 -6.01
C PHE B 43 -4.16 -8.99 -7.03
N SER B 44 -3.04 -9.55 -7.48
CA SER B 44 -2.23 -8.89 -8.49
C SER B 44 -2.89 -9.21 -9.84
N THR B 45 -2.89 -8.24 -10.75
CA THR B 45 -3.52 -8.43 -12.05
C THR B 45 -2.61 -8.14 -13.22
N GLU B 46 -1.40 -7.68 -12.95
CA GLU B 46 -0.44 -7.33 -14.00
C GLU B 46 -1.05 -6.29 -14.93
N GLY B 47 -2.14 -5.66 -14.50
CA GLY B 47 -2.81 -4.67 -15.31
C GLY B 47 -3.60 -5.26 -16.46
N GLU B 48 -3.79 -6.57 -16.45
CA GLU B 48 -4.53 -7.25 -17.51
C GLU B 48 -6.04 -7.20 -17.37
N VAL B 49 -6.53 -6.76 -16.21
CA VAL B 49 -7.96 -6.65 -15.96
C VAL B 49 -8.32 -5.18 -15.82
N PRO B 50 -8.64 -4.51 -16.95
CA PRO B 50 -9.00 -3.10 -17.01
C PRO B 50 -10.40 -2.74 -16.53
N TYR B 51 -10.65 -2.92 -15.25
CA TYR B 51 -11.96 -2.61 -14.67
C TYR B 51 -12.06 -1.16 -14.25
N ARG B 52 -13.26 -0.74 -13.90
CA ARG B 52 -13.48 0.62 -13.42
C ARG B 52 -14.48 0.58 -12.27
N GLU B 53 -14.57 1.69 -11.55
CA GLU B 53 -15.46 1.82 -10.41
C GLU B 53 -16.89 1.33 -10.69
N GLY B 54 -17.40 0.49 -9.79
CA GLY B 54 -18.75 -0.01 -9.95
C GLY B 54 -18.88 -1.37 -10.62
N GLN B 55 -17.82 -1.84 -11.26
CA GLN B 55 -17.88 -3.15 -11.91
C GLN B 55 -17.57 -4.29 -10.94
N SER B 56 -17.77 -5.51 -11.41
CA SER B 56 -17.52 -6.70 -10.61
C SER B 56 -16.58 -7.60 -11.38
N ILE B 57 -16.07 -8.61 -10.71
CA ILE B 57 -15.24 -9.62 -11.36
C ILE B 57 -15.81 -10.94 -10.90
N GLY B 58 -15.66 -11.96 -11.72
CA GLY B 58 -16.14 -13.27 -11.35
C GLY B 58 -14.96 -14.05 -10.80
N ILE B 59 -15.24 -14.96 -9.89
CA ILE B 59 -14.21 -15.80 -9.31
C ILE B 59 -14.65 -17.25 -9.47
N VAL B 60 -13.79 -18.06 -10.04
CA VAL B 60 -14.08 -19.49 -10.18
C VAL B 60 -13.28 -20.11 -9.05
N PRO B 61 -13.95 -20.48 -7.94
CA PRO B 61 -13.23 -21.08 -6.82
C PRO B 61 -12.61 -22.42 -7.18
N ASP B 62 -11.46 -22.71 -6.59
CA ASP B 62 -10.79 -23.97 -6.85
C ASP B 62 -11.70 -25.10 -6.42
N GLY B 63 -11.48 -26.28 -6.97
CA GLY B 63 -12.30 -27.42 -6.59
C GLY B 63 -13.18 -27.96 -7.70
N ILE B 64 -14.09 -28.85 -7.33
CA ILE B 64 -14.99 -29.47 -8.30
C ILE B 64 -16.43 -29.46 -7.80
N ASP B 65 -17.38 -29.45 -8.73
CA ASP B 65 -18.78 -29.49 -8.33
C ASP B 65 -19.13 -30.96 -8.14
N LYS B 66 -20.38 -31.26 -7.85
CA LYS B 66 -20.76 -32.65 -7.61
C LYS B 66 -20.49 -33.60 -8.77
N ASN B 67 -20.28 -33.07 -9.97
CA ASN B 67 -20.01 -33.91 -11.14
C ASN B 67 -18.55 -33.91 -11.54
N GLY B 68 -17.69 -33.33 -10.71
CA GLY B 68 -16.27 -33.29 -11.02
C GLY B 68 -15.84 -32.22 -12.00
N LYS B 69 -16.74 -31.29 -12.29
CA LYS B 69 -16.45 -30.20 -13.22
C LYS B 69 -16.11 -28.94 -12.45
N PRO B 70 -15.54 -27.92 -13.13
CA PRO B 70 -15.19 -26.68 -12.44
C PRO B 70 -16.43 -26.00 -11.84
N HIS B 71 -16.24 -25.30 -10.72
CA HIS B 71 -17.34 -24.59 -10.07
C HIS B 71 -17.79 -23.43 -10.95
N LYS B 72 -19.06 -23.06 -10.83
CA LYS B 72 -19.59 -21.94 -11.61
C LYS B 72 -18.99 -20.69 -10.94
N LEU B 73 -18.81 -19.63 -11.70
CA LEU B 73 -18.24 -18.42 -11.13
C LEU B 73 -19.24 -17.73 -10.20
N ARG B 74 -18.71 -16.97 -9.26
CA ARG B 74 -19.49 -16.18 -8.32
C ARG B 74 -19.03 -14.76 -8.58
N LEU B 75 -19.95 -13.80 -8.56
CA LEU B 75 -19.59 -12.41 -8.79
C LEU B 75 -19.31 -11.65 -7.51
N TYR B 76 -18.35 -10.73 -7.57
CA TYR B 76 -18.01 -9.90 -6.42
C TYR B 76 -17.77 -8.47 -6.86
N SER B 77 -18.43 -7.54 -6.19
CA SER B 77 -18.26 -6.12 -6.52
C SER B 77 -16.82 -5.75 -6.20
N ILE B 78 -16.15 -5.05 -7.10
CA ILE B 78 -14.78 -4.63 -6.87
C ILE B 78 -14.78 -3.53 -5.81
N ALA B 79 -14.02 -3.74 -4.74
CA ALA B 79 -13.96 -2.79 -3.63
C ALA B 79 -12.89 -1.73 -3.79
N SER B 80 -12.06 -1.88 -4.81
CA SER B 80 -10.98 -0.94 -5.07
C SER B 80 -11.31 -0.02 -6.24
N SER B 81 -10.68 1.14 -6.28
CA SER B 81 -10.90 2.07 -7.39
C SER B 81 -10.22 1.45 -8.61
N ALA B 82 -10.38 2.09 -9.77
CA ALA B 82 -9.75 1.57 -10.99
C ALA B 82 -8.24 1.39 -10.89
N ILE B 83 -7.54 2.30 -10.22
CA ILE B 83 -6.09 2.18 -10.10
C ILE B 83 -5.69 1.24 -8.96
N GLY B 84 -6.67 0.76 -8.22
CA GLY B 84 -6.39 -0.17 -7.14
C GLY B 84 -5.89 0.48 -5.86
N ASP B 85 -5.89 -0.30 -4.78
CA ASP B 85 -5.45 0.20 -3.49
C ASP B 85 -4.02 0.74 -3.53
N PHE B 86 -3.20 0.19 -4.41
CA PHE B 86 -1.81 0.60 -4.50
C PHE B 86 -1.51 1.62 -5.60
N GLY B 87 -2.58 2.15 -6.19
CA GLY B 87 -2.50 3.18 -7.21
C GLY B 87 -1.67 2.93 -8.46
N ASP B 88 -1.35 1.67 -8.74
CA ASP B 88 -0.55 1.33 -9.91
C ASP B 88 -1.31 0.62 -11.02
N SER B 89 -2.62 0.46 -10.85
CA SER B 89 -3.47 -0.21 -11.82
C SER B 89 -3.04 -1.66 -12.06
N LYS B 90 -2.40 -2.26 -11.04
CA LYS B 90 -1.93 -3.63 -11.14
C LYS B 90 -2.51 -4.55 -10.08
N THR B 91 -3.55 -4.09 -9.37
CA THR B 91 -4.19 -4.92 -8.37
C THR B 91 -5.69 -4.68 -8.34
N VAL B 92 -6.41 -5.60 -7.70
CA VAL B 92 -7.86 -5.49 -7.57
C VAL B 92 -8.19 -6.00 -6.17
N SER B 93 -9.18 -5.39 -5.53
CA SER B 93 -9.56 -5.79 -4.18
C SER B 93 -11.02 -6.20 -4.07
N LEU B 94 -11.27 -7.17 -3.19
CA LEU B 94 -12.63 -7.65 -2.96
C LEU B 94 -12.94 -7.58 -1.47
N CYS B 95 -14.23 -7.48 -1.16
CA CYS B 95 -14.73 -7.41 0.22
C CYS B 95 -15.67 -8.61 0.30
N VAL B 96 -15.22 -9.68 0.94
CA VAL B 96 -15.97 -10.92 0.99
C VAL B 96 -16.43 -11.40 2.37
N LYS B 97 -17.72 -11.70 2.48
CA LYS B 97 -18.26 -12.20 3.75
C LYS B 97 -18.35 -13.72 3.68
N ARG B 98 -17.83 -14.39 4.70
CA ARG B 98 -17.86 -15.84 4.76
C ARG B 98 -19.33 -16.25 4.88
N LEU B 99 -19.81 -17.05 3.94
CA LEU B 99 -21.21 -17.50 3.98
C LEU B 99 -21.40 -18.91 4.52
N VAL B 100 -22.33 -19.04 5.45
CA VAL B 100 -22.68 -20.33 6.04
C VAL B 100 -24.19 -20.27 6.15
N TYR B 101 -24.86 -21.29 5.63
CA TYR B 101 -26.31 -21.33 5.66
C TYR B 101 -26.81 -22.77 5.82
N VAL B 109 -24.79 -25.45 5.55
CA VAL B 109 -23.61 -25.68 4.71
C VAL B 109 -22.70 -24.46 4.48
N LYS B 110 -21.45 -24.72 4.14
CA LYS B 110 -20.45 -23.68 3.89
C LYS B 110 -20.50 -23.21 2.44
N GLY B 111 -20.59 -21.90 2.24
CA GLY B 111 -20.62 -21.35 0.89
C GLY B 111 -19.29 -21.66 0.24
N VAL B 112 -19.31 -22.17 -0.99
CA VAL B 112 -18.09 -22.55 -1.68
C VAL B 112 -17.10 -21.44 -1.97
N CYS B 113 -17.51 -20.47 -2.76
CA CYS B 113 -16.60 -19.40 -3.16
C CYS B 113 -16.20 -18.42 -2.06
N SER B 114 -17.15 -18.03 -1.21
CA SER B 114 -16.83 -17.08 -0.15
C SER B 114 -15.80 -17.64 0.81
N ASN B 115 -15.93 -18.92 1.15
CA ASN B 115 -14.98 -19.54 2.06
C ASN B 115 -13.65 -19.81 1.37
N PHE B 116 -13.68 -20.10 0.08
CA PHE B 116 -12.45 -20.32 -0.67
C PHE B 116 -11.67 -19.00 -0.69
N LEU B 117 -12.37 -17.90 -0.92
CA LEU B 117 -11.73 -16.59 -0.96
C LEU B 117 -11.19 -16.15 0.39
N CYS B 118 -11.99 -16.29 1.44
CA CYS B 118 -11.53 -15.88 2.76
C CYS B 118 -10.39 -16.78 3.26
N ASP B 119 -10.27 -17.98 2.69
CA ASP B 119 -9.19 -18.91 3.08
C ASP B 119 -7.90 -18.66 2.30
N LEU B 120 -7.97 -17.84 1.25
CA LEU B 120 -6.81 -17.56 0.42
C LEU B 120 -5.61 -17.00 1.19
N LYS B 121 -4.43 -17.54 0.91
CA LYS B 121 -3.21 -17.09 1.56
C LYS B 121 -2.34 -16.35 0.53
N PRO B 122 -1.58 -15.35 0.99
CA PRO B 122 -0.72 -14.60 0.07
C PRO B 122 0.18 -15.55 -0.72
N GLY B 123 0.17 -15.38 -2.04
CA GLY B 123 1.00 -16.21 -2.88
C GLY B 123 0.20 -17.22 -3.70
N SER B 124 -1.01 -17.52 -3.26
CA SER B 124 -1.85 -18.47 -3.95
C SER B 124 -2.59 -17.88 -5.16
N GLU B 125 -2.84 -18.72 -6.15
CA GLU B 125 -3.52 -18.30 -7.37
C GLU B 125 -5.04 -18.26 -7.24
N VAL B 126 -5.64 -17.35 -8.00
CA VAL B 126 -7.09 -17.20 -8.01
C VAL B 126 -7.53 -16.96 -9.45
N LYS B 127 -8.57 -17.66 -9.87
CA LYS B 127 -9.08 -17.53 -11.23
C LYS B 127 -10.11 -16.41 -11.30
N ILE B 128 -9.80 -15.41 -12.11
CA ILE B 128 -10.62 -14.22 -12.27
C ILE B 128 -11.25 -14.07 -13.66
N THR B 129 -12.52 -13.68 -13.69
CA THR B 129 -13.22 -13.46 -14.96
C THR B 129 -13.78 -12.04 -14.97
N GLY B 130 -14.12 -11.54 -16.15
CA GLY B 130 -14.67 -10.20 -16.25
C GLY B 130 -13.78 -9.21 -16.98
N PRO B 131 -13.90 -7.90 -16.70
CA PRO B 131 -14.83 -7.27 -15.74
C PRO B 131 -16.28 -7.52 -16.14
N VAL B 132 -17.19 -7.32 -15.20
CA VAL B 132 -18.61 -7.52 -15.45
C VAL B 132 -19.45 -6.33 -14.95
N GLY B 133 -20.47 -5.97 -15.72
CA GLY B 133 -21.36 -4.89 -15.30
C GLY B 133 -21.16 -3.48 -15.80
N LYS B 134 -22.29 -2.78 -15.95
CA LYS B 134 -22.31 -1.39 -16.40
C LYS B 134 -23.36 -0.62 -15.61
N GLU B 135 -24.15 -1.35 -14.84
CA GLU B 135 -25.23 -0.77 -14.04
C GLU B 135 -24.81 0.15 -12.90
N MET B 136 -23.68 -0.15 -12.26
CA MET B 136 -23.22 0.63 -11.12
C MET B 136 -22.06 1.59 -11.41
N LEU B 137 -21.91 1.99 -12.66
CA LEU B 137 -20.83 2.91 -13.02
C LEU B 137 -21.10 4.28 -12.41
N MET B 138 -20.04 5.05 -12.19
CA MET B 138 -20.14 6.40 -11.61
C MET B 138 -20.69 7.43 -12.59
N PRO B 139 -21.27 8.53 -12.07
CA PRO B 139 -21.80 9.57 -12.95
C PRO B 139 -20.63 10.30 -13.59
N LYS B 140 -20.79 10.77 -14.83
CA LYS B 140 -19.72 11.50 -15.49
C LYS B 140 -19.56 12.88 -14.83
N ASP B 141 -20.70 13.50 -14.51
CA ASP B 141 -20.71 14.82 -13.89
C ASP B 141 -19.93 14.84 -12.58
N PRO B 142 -18.77 15.51 -12.57
CA PRO B 142 -17.91 15.62 -11.38
C PRO B 142 -18.50 16.45 -10.25
N ASN B 143 -19.61 17.13 -10.53
CA ASN B 143 -20.27 17.96 -9.53
C ASN B 143 -21.64 17.42 -9.16
N ALA B 144 -21.86 16.16 -9.49
CA ALA B 144 -23.15 15.52 -9.20
C ALA B 144 -23.27 15.11 -7.74
N THR B 145 -24.50 14.89 -7.30
CA THR B 145 -24.77 14.45 -5.95
C THR B 145 -24.86 12.94 -6.08
N VAL B 146 -24.04 12.23 -5.30
CA VAL B 146 -24.03 10.78 -5.35
C VAL B 146 -24.42 10.21 -3.99
N ILE B 147 -25.62 9.64 -3.92
CA ILE B 147 -26.12 9.06 -2.68
C ILE B 147 -25.89 7.56 -2.78
N MET B 148 -25.19 7.01 -1.80
CA MET B 148 -24.87 5.59 -1.79
C MET B 148 -25.49 4.90 -0.59
N LEU B 149 -26.32 3.89 -0.86
CA LEU B 149 -27.00 3.16 0.19
C LEU B 149 -26.52 1.72 0.19
N GLY B 150 -25.81 1.33 1.24
CA GLY B 150 -25.32 -0.03 1.29
C GLY B 150 -25.51 -0.75 2.60
N THR B 151 -25.52 -2.07 2.53
CA THR B 151 -25.64 -2.90 3.70
C THR B 151 -24.57 -3.98 3.55
N GLY B 152 -23.83 -4.24 4.62
CA GLY B 152 -22.79 -5.25 4.58
C GLY B 152 -21.78 -5.03 3.47
N THR B 153 -21.45 -6.12 2.77
CA THR B 153 -20.48 -6.07 1.67
C THR B 153 -20.95 -5.18 0.53
N GLY B 154 -22.20 -4.73 0.61
CA GLY B 154 -22.72 -3.84 -0.42
C GLY B 154 -21.92 -2.54 -0.44
N ILE B 155 -21.11 -2.35 0.59
CA ILE B 155 -20.26 -1.17 0.71
C ILE B 155 -19.17 -1.17 -0.37
N ALA B 156 -18.87 -2.35 -0.91
CA ALA B 156 -17.78 -2.50 -1.89
C ALA B 156 -17.72 -1.49 -3.05
N PRO B 157 -18.74 -1.42 -3.91
CA PRO B 157 -18.65 -0.46 -5.01
C PRO B 157 -18.56 1.00 -4.56
N PHE B 158 -19.07 1.28 -3.37
CA PHE B 158 -19.03 2.64 -2.85
C PHE B 158 -17.63 2.97 -2.35
N ARG B 159 -16.91 1.97 -1.87
CA ARG B 159 -15.54 2.20 -1.43
C ARG B 159 -14.78 2.56 -2.71
N SER B 160 -15.07 1.84 -3.80
CA SER B 160 -14.42 2.07 -5.08
C SER B 160 -14.68 3.52 -5.52
N PHE B 161 -15.95 3.93 -5.46
CA PHE B 161 -16.37 5.30 -5.83
C PHE B 161 -15.62 6.35 -5.02
N LEU B 162 -15.72 6.21 -3.69
CA LEU B 162 -15.12 7.13 -2.75
C LEU B 162 -13.61 7.25 -2.82
N TRP B 163 -12.93 6.16 -3.13
CA TRP B 163 -11.47 6.23 -3.25
C TRP B 163 -11.13 7.12 -4.45
N LYS B 164 -11.82 6.94 -5.56
CA LYS B 164 -11.54 7.78 -6.73
C LYS B 164 -11.88 9.24 -6.43
N MET B 165 -12.97 9.47 -5.71
CA MET B 165 -13.40 10.82 -5.37
C MET B 165 -12.52 11.55 -4.36
N PHE B 166 -12.13 10.86 -3.30
CA PHE B 166 -11.38 11.51 -2.23
C PHE B 166 -9.96 11.07 -1.89
N PHE B 167 -9.54 9.91 -2.36
CA PHE B 167 -8.19 9.41 -2.06
C PHE B 167 -7.22 9.49 -3.23
N GLU B 168 -7.68 9.99 -4.37
CA GLU B 168 -6.83 10.07 -5.54
C GLU B 168 -6.92 11.39 -6.28
N LYS B 169 -5.86 11.71 -7.01
CA LYS B 169 -5.81 12.93 -7.81
C LYS B 169 -5.84 12.51 -9.28
N HIS B 170 -6.75 13.10 -10.04
CA HIS B 170 -6.89 12.80 -11.46
C HIS B 170 -7.04 14.11 -12.24
N GLU B 171 -6.21 14.27 -13.26
CA GLU B 171 -6.27 15.48 -14.08
C GLU B 171 -7.64 15.65 -14.73
N ASP B 172 -8.24 14.53 -15.12
CA ASP B 172 -9.54 14.54 -15.78
C ASP B 172 -10.75 14.37 -14.87
N TYR B 173 -10.55 14.31 -13.56
CA TYR B 173 -11.67 14.14 -12.65
C TYR B 173 -11.43 14.71 -11.26
N GLN B 174 -12.14 15.79 -10.94
CA GLN B 174 -12.04 16.43 -9.64
C GLN B 174 -13.44 16.54 -9.07
N PHE B 175 -13.83 15.57 -8.25
CA PHE B 175 -15.16 15.56 -7.66
C PHE B 175 -15.38 16.76 -6.75
N ASN B 176 -16.43 17.52 -7.02
CA ASN B 176 -16.73 18.68 -6.18
C ASN B 176 -18.23 18.79 -5.91
N GLY B 177 -18.90 17.64 -5.95
CA GLY B 177 -20.32 17.59 -5.68
C GLY B 177 -20.51 17.11 -4.25
N LEU B 178 -21.64 16.46 -3.99
CA LEU B 178 -21.92 15.94 -2.66
C LEU B 178 -22.05 14.43 -2.70
N ALA B 179 -21.23 13.75 -1.93
CA ALA B 179 -21.27 12.29 -1.83
C ALA B 179 -21.84 11.99 -0.45
N TRP B 180 -22.92 11.20 -0.40
CA TRP B 180 -23.54 10.86 0.86
C TRP B 180 -23.65 9.35 1.01
N LEU B 181 -22.92 8.82 1.98
CA LEU B 181 -22.92 7.38 2.24
C LEU B 181 -23.72 6.98 3.47
N PHE B 182 -24.59 6.00 3.28
CA PHE B 182 -25.38 5.42 4.36
C PHE B 182 -24.95 3.96 4.39
N LEU B 183 -24.49 3.48 5.54
CA LEU B 183 -24.05 2.09 5.65
C LEU B 183 -24.76 1.40 6.81
N GLY B 184 -25.48 0.33 6.49
CA GLY B 184 -26.19 -0.41 7.52
C GLY B 184 -25.55 -1.75 7.84
N VAL B 185 -25.26 -1.96 9.12
CA VAL B 185 -24.65 -3.20 9.59
C VAL B 185 -25.25 -3.56 10.95
N PRO B 186 -25.10 -4.83 11.37
CA PRO B 186 -25.63 -5.29 12.65
C PRO B 186 -24.96 -4.74 13.90
N THR B 187 -23.62 -4.74 13.90
CA THR B 187 -22.88 -4.26 15.06
C THR B 187 -21.77 -3.28 14.68
N SER B 188 -21.26 -2.56 15.67
CA SER B 188 -20.20 -1.60 15.43
C SER B 188 -18.94 -2.32 14.94
N SER B 189 -18.79 -3.59 15.34
CA SER B 189 -17.64 -4.38 14.93
C SER B 189 -17.80 -4.84 13.48
N SER B 190 -18.91 -4.47 12.85
CA SER B 190 -19.18 -4.85 11.47
C SER B 190 -19.16 -3.63 10.53
N LEU B 191 -18.73 -2.48 11.04
CA LEU B 191 -18.69 -1.26 10.23
C LEU B 191 -17.50 -1.25 9.28
N LEU B 192 -17.63 -2.01 8.20
CA LEU B 192 -16.57 -2.15 7.19
C LEU B 192 -15.98 -0.83 6.69
N TYR B 193 -14.65 -0.75 6.73
CA TYR B 193 -13.92 0.43 6.24
C TYR B 193 -14.21 1.73 6.98
N LYS B 194 -14.69 1.62 8.22
CA LYS B 194 -15.02 2.80 9.03
C LYS B 194 -13.94 3.88 9.03
N GLU B 195 -12.70 3.48 9.31
CA GLU B 195 -11.59 4.43 9.35
C GLU B 195 -11.33 5.16 8.03
N GLU B 196 -11.52 4.47 6.91
CA GLU B 196 -11.30 5.11 5.63
C GLU B 196 -12.33 6.21 5.39
N PHE B 197 -13.60 5.93 5.69
CA PHE B 197 -14.66 6.91 5.49
C PHE B 197 -14.53 8.10 6.43
N GLU B 198 -14.12 7.85 7.67
CA GLU B 198 -13.96 8.94 8.62
C GLU B 198 -12.81 9.84 8.17
N LYS B 199 -11.79 9.24 7.56
CA LYS B 199 -10.66 10.01 7.05
C LYS B 199 -11.13 10.90 5.89
N MET B 200 -12.01 10.36 5.05
CA MET B 200 -12.52 11.13 3.92
C MET B 200 -13.36 12.30 4.41
N LYS B 201 -14.12 12.08 5.48
CA LYS B 201 -14.98 13.13 6.04
C LYS B 201 -14.12 14.25 6.60
N GLU B 202 -12.99 13.89 7.19
CA GLU B 202 -12.09 14.88 7.75
C GLU B 202 -11.39 15.63 6.63
N LYS B 203 -11.15 14.92 5.53
CA LYS B 203 -10.48 15.50 4.37
C LYS B 203 -11.39 16.39 3.52
N ALA B 204 -12.64 15.97 3.35
CA ALA B 204 -13.59 16.73 2.54
C ALA B 204 -14.92 16.89 3.28
N PRO B 205 -14.91 17.66 4.38
CA PRO B 205 -16.10 17.91 5.21
C PRO B 205 -17.31 18.51 4.49
N GLU B 206 -17.05 19.25 3.42
CA GLU B 206 -18.15 19.89 2.70
C GLU B 206 -18.65 19.10 1.48
N ASN B 207 -17.91 18.06 1.09
CA ASN B 207 -18.32 17.26 -0.06
C ASN B 207 -18.70 15.83 0.29
N PHE B 208 -18.56 15.46 1.56
CA PHE B 208 -18.88 14.10 1.96
C PHE B 208 -19.66 14.01 3.27
N ARG B 209 -20.79 13.31 3.23
CA ARG B 209 -21.62 13.12 4.41
C ARG B 209 -21.62 11.62 4.68
N LEU B 210 -21.53 11.26 5.95
CA LEU B 210 -21.45 9.87 6.35
C LEU B 210 -22.40 9.52 7.48
N ASP B 211 -23.19 8.47 7.30
CA ASP B 211 -24.13 8.04 8.32
C ASP B 211 -24.14 6.51 8.47
N PHE B 212 -23.90 6.04 9.69
CA PHE B 212 -23.90 4.62 9.96
C PHE B 212 -25.19 4.22 10.67
N ALA B 213 -25.68 3.02 10.35
CA ALA B 213 -26.89 2.50 10.96
C ALA B 213 -26.57 1.12 11.53
N VAL B 214 -26.38 1.06 12.84
CA VAL B 214 -26.06 -0.20 13.52
C VAL B 214 -27.32 -0.71 14.19
N SER B 215 -28.01 -1.61 13.49
CA SER B 215 -29.27 -2.17 13.94
C SER B 215 -29.35 -2.77 15.36
N ARG B 216 -28.29 -3.43 15.82
CA ARG B 216 -28.33 -4.04 17.14
C ARG B 216 -27.84 -3.15 18.28
N GLU B 217 -27.38 -1.95 17.96
CA GLU B 217 -26.87 -1.05 18.98
C GLU B 217 -27.51 0.33 19.02
N GLN B 218 -28.14 0.73 17.92
CA GLN B 218 -28.77 2.04 17.86
C GLN B 218 -30.28 1.94 17.67
N VAL B 219 -30.98 3.00 18.07
CA VAL B 219 -32.43 3.08 17.93
C VAL B 219 -32.80 4.53 17.69
N ASN B 220 -33.91 4.77 16.99
CA ASN B 220 -34.36 6.14 16.75
C ASN B 220 -35.05 6.65 17.99
N ASP B 221 -35.60 7.87 17.91
CA ASP B 221 -36.30 8.48 19.03
C ASP B 221 -37.55 7.69 19.44
N LYS B 222 -37.93 6.74 18.60
CA LYS B 222 -39.10 5.91 18.85
C LYS B 222 -38.74 4.52 19.38
N GLY B 223 -37.45 4.32 19.68
CA GLY B 223 -37.00 3.03 20.19
C GLY B 223 -36.93 1.91 19.19
N GLU B 224 -36.94 2.24 17.90
CA GLU B 224 -36.88 1.25 16.84
C GLU B 224 -35.45 0.99 16.39
N LYS B 225 -35.11 -0.26 16.11
CA LYS B 225 -33.76 -0.61 15.66
C LYS B 225 -33.33 0.27 14.50
N MET B 226 -32.08 0.71 14.53
CA MET B 226 -31.56 1.60 13.49
C MET B 226 -31.07 0.91 12.22
N TYR B 227 -32.00 0.55 11.35
CA TYR B 227 -31.64 -0.07 10.07
C TYR B 227 -31.28 1.08 9.15
N ILE B 228 -30.81 0.78 7.95
CA ILE B 228 -30.42 1.84 7.02
C ILE B 228 -31.57 2.81 6.73
N GLN B 229 -32.78 2.29 6.51
CA GLN B 229 -33.93 3.15 6.22
C GLN B 229 -34.30 3.99 7.43
N THR B 230 -34.08 3.43 8.62
CA THR B 230 -34.40 4.11 9.86
C THR B 230 -33.51 5.35 10.02
N ARG B 231 -32.27 5.24 9.54
CA ARG B 231 -31.34 6.36 9.61
C ARG B 231 -31.67 7.37 8.51
N MET B 232 -32.03 6.86 7.33
CA MET B 232 -32.38 7.72 6.22
C MET B 232 -33.59 8.59 6.57
N ALA B 233 -34.51 8.03 7.34
CA ALA B 233 -35.73 8.73 7.74
C ALA B 233 -35.43 9.98 8.58
N GLN B 234 -34.26 10.02 9.19
CA GLN B 234 -33.89 11.17 10.00
C GLN B 234 -33.50 12.36 9.12
N TYR B 235 -33.29 12.08 7.83
CA TYR B 235 -32.92 13.12 6.88
C TYR B 235 -33.96 13.15 5.76
N ALA B 236 -35.17 12.72 6.09
CA ALA B 236 -36.28 12.66 5.14
C ALA B 236 -36.38 13.88 4.22
N GLU B 237 -36.48 15.06 4.82
CA GLU B 237 -36.60 16.30 4.05
C GLU B 237 -35.43 16.52 3.10
N GLU B 238 -34.21 16.45 3.64
CA GLU B 238 -33.02 16.66 2.84
C GLU B 238 -32.91 15.70 1.65
N LEU B 239 -33.09 14.41 1.92
CA LEU B 239 -33.01 13.40 0.87
C LEU B 239 -34.04 13.64 -0.22
N TRP B 240 -35.28 13.91 0.17
CA TRP B 240 -36.32 14.15 -0.82
C TRP B 240 -35.98 15.35 -1.70
N GLU B 241 -35.50 16.44 -1.08
CA GLU B 241 -35.13 17.62 -1.85
C GLU B 241 -34.05 17.26 -2.86
N LEU B 242 -33.09 16.46 -2.44
CA LEU B 242 -32.02 16.05 -3.34
C LEU B 242 -32.54 15.17 -4.46
N LEU B 243 -33.48 14.29 -4.13
CA LEU B 243 -34.06 13.37 -5.13
C LEU B 243 -34.84 14.09 -6.21
N LYS B 244 -35.17 15.36 -5.97
CA LYS B 244 -35.92 16.13 -6.96
C LYS B 244 -35.00 16.85 -7.94
N LYS B 245 -33.69 16.75 -7.73
CA LYS B 245 -32.72 17.39 -8.62
C LYS B 245 -32.22 16.43 -9.69
N ASP B 246 -32.02 16.96 -10.90
CA ASP B 246 -31.57 16.15 -12.03
C ASP B 246 -30.13 15.68 -11.98
N ASN B 247 -29.34 16.22 -11.05
CA ASN B 247 -27.94 15.81 -10.95
C ASN B 247 -27.69 14.93 -9.73
N THR B 248 -28.76 14.35 -9.19
CA THR B 248 -28.68 13.46 -8.04
C THR B 248 -28.77 12.02 -8.51
N PHE B 249 -27.76 11.22 -8.19
CA PHE B 249 -27.72 9.81 -8.57
C PHE B 249 -27.69 8.95 -7.33
N VAL B 250 -28.61 8.00 -7.26
CA VAL B 250 -28.66 7.10 -6.10
C VAL B 250 -28.19 5.71 -6.48
N TYR B 251 -27.39 5.10 -5.59
CA TYR B 251 -26.88 3.75 -5.81
C TYR B 251 -27.18 2.94 -4.55
N MET B 252 -27.65 1.71 -4.76
CA MET B 252 -27.98 0.83 -3.64
C MET B 252 -27.29 -0.51 -3.88
N CYS B 253 -26.64 -1.05 -2.86
CA CYS B 253 -25.95 -2.33 -3.01
C CYS B 253 -25.91 -3.10 -1.70
N GLY B 254 -26.10 -4.41 -1.78
CA GLY B 254 -26.07 -5.23 -0.59
C GLY B 254 -26.99 -6.43 -0.71
N LEU B 255 -27.41 -6.96 0.43
CA LEU B 255 -28.27 -8.14 0.45
C LEU B 255 -29.69 -7.86 -0.04
N LYS B 256 -30.19 -8.73 -0.90
CA LYS B 256 -31.53 -8.60 -1.45
C LYS B 256 -32.49 -8.54 -0.27
N GLY B 257 -33.36 -7.54 -0.30
CA GLY B 257 -34.32 -7.37 0.79
C GLY B 257 -34.20 -6.01 1.42
N MET B 258 -33.05 -5.37 1.22
CA MET B 258 -32.83 -4.03 1.78
C MET B 258 -33.70 -3.00 1.08
N GLU B 259 -34.15 -3.32 -0.14
CA GLU B 259 -34.99 -2.43 -0.91
C GLU B 259 -36.33 -2.11 -0.23
N LYS B 260 -36.97 -3.15 0.31
CA LYS B 260 -38.26 -3.02 0.98
C LYS B 260 -38.32 -1.87 1.98
N GLY B 261 -37.54 -1.98 3.05
CA GLY B 261 -37.52 -0.96 4.08
C GLY B 261 -37.28 0.45 3.57
N ILE B 262 -36.47 0.58 2.54
CA ILE B 262 -36.17 1.88 1.97
C ILE B 262 -37.39 2.45 1.25
N ASP B 263 -38.09 1.61 0.49
CA ASP B 263 -39.29 2.08 -0.20
C ASP B 263 -40.33 2.57 0.81
N ASP B 264 -40.49 1.82 1.90
CA ASP B 264 -41.45 2.20 2.94
C ASP B 264 -41.26 3.63 3.42
N ILE B 265 -40.02 4.03 3.70
CA ILE B 265 -39.79 5.38 4.18
C ILE B 265 -39.91 6.38 3.03
N MET B 266 -39.66 5.92 1.81
CA MET B 266 -39.74 6.78 0.63
C MET B 266 -41.18 7.17 0.30
N VAL B 267 -42.10 6.21 0.41
CA VAL B 267 -43.51 6.48 0.13
C VAL B 267 -43.97 7.68 0.94
N SER B 268 -43.48 7.76 2.17
CA SER B 268 -43.82 8.85 3.07
C SER B 268 -43.28 10.18 2.55
N LEU B 269 -42.07 10.14 2.00
CA LEU B 269 -41.43 11.35 1.47
C LEU B 269 -42.18 11.92 0.27
N ALA B 270 -42.24 11.15 -0.81
CA ALA B 270 -42.93 11.58 -2.02
C ALA B 270 -44.38 11.97 -1.77
N ALA B 271 -45.02 11.28 -0.82
CA ALA B 271 -46.41 11.55 -0.48
C ALA B 271 -46.68 13.03 -0.22
N LYS B 272 -45.79 13.66 0.53
CA LYS B 272 -45.93 15.06 0.86
C LYS B 272 -46.06 15.96 -0.37
N ASP B 273 -45.35 15.63 -1.44
CA ASP B 273 -45.42 16.43 -2.67
C ASP B 273 -46.42 15.87 -3.67
N GLY B 274 -47.39 15.11 -3.17
CA GLY B 274 -48.40 14.53 -4.04
C GLY B 274 -47.81 13.68 -5.14
N ILE B 275 -46.76 12.95 -4.81
CA ILE B 275 -46.08 12.07 -5.76
C ILE B 275 -46.13 10.62 -5.29
N ASP B 276 -46.33 9.70 -6.24
CA ASP B 276 -46.36 8.28 -5.93
C ASP B 276 -44.94 7.75 -6.04
N TRP B 277 -44.35 7.42 -4.90
CA TRP B 277 -42.96 6.93 -4.87
C TRP B 277 -42.59 5.85 -5.89
N ILE B 278 -43.29 4.72 -5.85
CA ILE B 278 -42.98 3.62 -6.76
C ILE B 278 -42.82 4.07 -8.21
N GLU B 279 -43.71 4.94 -8.69
CA GLU B 279 -43.61 5.41 -10.07
C GLU B 279 -42.52 6.47 -10.22
N TYR B 280 -42.29 7.25 -9.16
CA TYR B 280 -41.26 8.27 -9.22
C TYR B 280 -39.90 7.57 -9.28
N LYS B 281 -39.76 6.52 -8.50
CA LYS B 281 -38.52 5.75 -8.46
C LYS B 281 -38.26 5.16 -9.83
N ARG B 282 -39.33 4.75 -10.50
CA ARG B 282 -39.22 4.17 -11.83
C ARG B 282 -38.68 5.21 -12.82
N THR B 283 -39.12 6.45 -12.69
CA THR B 283 -38.64 7.51 -13.58
C THR B 283 -37.18 7.79 -13.29
N LEU B 284 -36.79 7.64 -12.02
CA LEU B 284 -35.39 7.86 -11.64
C LEU B 284 -34.53 6.74 -12.22
N LYS B 285 -35.03 5.51 -12.12
CA LYS B 285 -34.31 4.35 -12.63
C LYS B 285 -34.06 4.47 -14.13
N LYS B 286 -35.10 4.84 -14.87
CA LYS B 286 -34.96 4.98 -16.32
C LYS B 286 -34.11 6.18 -16.71
N ALA B 287 -33.89 7.10 -15.77
CA ALA B 287 -33.08 8.28 -16.02
C ALA B 287 -31.66 8.04 -15.51
N GLU B 288 -31.36 6.79 -15.17
CA GLU B 288 -30.05 6.37 -14.66
C GLU B 288 -29.72 6.97 -13.29
N GLN B 289 -30.74 7.40 -12.56
CA GLN B 289 -30.54 8.02 -11.25
C GLN B 289 -30.90 7.15 -10.04
N TRP B 290 -31.30 5.92 -10.31
CA TRP B 290 -31.63 4.97 -9.24
C TRP B 290 -31.07 3.65 -9.73
N ASN B 291 -29.88 3.31 -9.22
CA ASN B 291 -29.16 2.12 -9.62
C ASN B 291 -29.02 1.12 -8.49
N VAL B 292 -29.63 -0.05 -8.68
CA VAL B 292 -29.61 -1.10 -7.66
C VAL B 292 -28.90 -2.40 -8.03
N GLU B 293 -28.16 -2.92 -7.07
CA GLU B 293 -27.45 -4.17 -7.25
C GLU B 293 -27.48 -4.93 -5.93
N VAL B 294 -28.53 -5.72 -5.72
CA VAL B 294 -28.68 -6.51 -4.50
C VAL B 294 -28.55 -7.98 -4.83
N TYR B 295 -28.08 -8.77 -3.88
CA TYR B 295 -27.84 -10.18 -4.11
C TYR B 295 -28.15 -11.12 -2.94
N LEU B 296 -27.98 -12.41 -3.18
CA LEU B 296 -28.24 -13.45 -2.18
C LEU B 296 -29.71 -13.49 -1.79
N LYS C 1 -7.08 -0.41 25.30
CA LYS C 1 -6.25 -0.35 24.08
C LYS C 1 -7.08 0.18 22.92
N THR C 2 -6.40 0.63 21.86
CA THR C 2 -7.10 1.14 20.69
C THR C 2 -7.93 0.01 20.08
N GLU C 3 -9.11 0.36 19.57
CA GLU C 3 -10.01 -0.61 18.96
C GLU C 3 -9.41 -1.32 17.74
N GLN C 4 -9.87 -2.55 17.51
CA GLN C 4 -9.39 -3.32 16.37
C GLN C 4 -9.73 -2.60 15.09
N PRO C 5 -8.80 -2.60 14.12
CA PRO C 5 -9.02 -1.92 12.84
C PRO C 5 -10.10 -2.56 11.99
N LEU C 6 -10.94 -1.71 11.39
CA LEU C 6 -12.03 -2.17 10.53
C LEU C 6 -11.70 -1.84 9.08
N SER C 7 -10.48 -1.37 8.86
CA SER C 7 -9.98 -1.03 7.53
C SER C 7 -8.63 -1.73 7.36
N PRO C 8 -8.24 -2.02 6.11
CA PRO C 8 -6.97 -2.70 5.83
C PRO C 8 -5.67 -1.91 5.93
N TYR C 9 -5.73 -0.58 5.82
CA TYR C 9 -4.51 0.22 5.84
C TYR C 9 -4.43 1.26 6.96
N THR C 10 -4.90 0.91 8.15
CA THR C 10 -4.86 1.85 9.27
C THR C 10 -3.43 2.12 9.76
N ALA C 11 -2.47 1.35 9.25
CA ALA C 11 -1.07 1.56 9.64
C ALA C 11 -0.52 2.83 9.03
N TYR C 12 -1.22 3.37 8.03
CA TYR C 12 -0.77 4.57 7.34
C TYR C 12 -1.54 5.83 7.72
N ASP C 13 -0.82 6.96 7.80
CA ASP C 13 -1.42 8.25 8.13
C ASP C 13 -2.64 8.55 7.26
N ASP C 14 -2.51 8.32 5.96
CA ASP C 14 -3.58 8.60 5.02
C ASP C 14 -4.60 7.49 4.81
N LEU C 15 -4.50 6.42 5.62
CA LEU C 15 -5.42 5.29 5.52
C LEU C 15 -5.42 4.54 4.20
N LYS C 16 -4.31 4.66 3.47
CA LYS C 16 -4.16 3.98 2.19
C LYS C 16 -2.68 3.74 1.96
N PRO C 17 -2.33 2.77 1.09
CA PRO C 17 -0.91 2.52 0.84
C PRO C 17 -0.29 3.81 0.30
N PRO C 18 0.90 4.16 0.77
CA PRO C 18 1.56 5.39 0.31
C PRO C 18 2.14 5.31 -1.10
N SER C 19 2.47 4.10 -1.54
CA SER C 19 3.04 3.94 -2.87
C SER C 19 2.91 2.49 -3.33
N SER C 20 3.20 2.27 -4.61
CA SER C 20 3.13 0.94 -5.20
C SER C 20 4.24 -0.02 -4.80
N PRO C 21 3.90 -1.30 -4.61
CA PRO C 21 4.92 -2.30 -4.23
C PRO C 21 5.69 -2.76 -5.46
N SER C 22 5.32 -2.20 -6.61
CA SER C 22 5.99 -2.46 -7.88
C SER C 22 6.44 -1.07 -8.32
N PRO C 23 7.47 -0.53 -7.64
CA PRO C 23 8.01 0.81 -7.91
C PRO C 23 8.21 1.19 -9.36
N THR C 24 7.90 2.45 -9.66
CA THR C 24 8.02 2.99 -11.00
C THR C 24 9.50 3.21 -11.32
N LYS C 25 9.88 2.96 -12.56
CA LYS C 25 11.26 3.16 -13.00
C LYS C 25 11.47 4.65 -13.22
N PRO C 26 12.73 5.10 -13.18
CA PRO C 26 13.01 6.53 -13.38
C PRO C 26 12.37 7.04 -14.67
PA FAD D . 28.88 -13.80 -5.52
O1A FAD D . 29.03 -14.13 -4.08
O2A FAD D . 28.55 -15.03 -6.30
O5B FAD D . 30.14 -13.19 -6.04
C5B FAD D . 30.66 -11.85 -5.31
C4B FAD D . 32.18 -11.64 -5.56
O4B FAD D . 32.83 -11.11 -4.40
C3B FAD D . 32.98 -12.93 -5.86
O3B FAD D . 32.91 -13.30 -7.25
C2B FAD D . 34.43 -12.50 -5.50
O2B FAD D . 35.13 -12.05 -6.67
C1B FAD D . 34.26 -11.31 -4.53
N9A FAD D . 34.91 -11.66 -3.23
C8A FAD D . 35.50 -10.61 -2.60
N7A FAD D . 35.19 -10.54 -1.36
C5A FAD D . 34.36 -11.52 -0.99
C6A FAD D . 33.76 -11.87 0.23
N6A FAD D . 33.97 -11.13 1.35
N1A FAD D . 32.94 -12.98 0.21
C2A FAD D . 32.73 -13.71 -0.94
N3A FAD D . 33.34 -13.36 -2.13
C4A FAD D . 34.16 -12.25 -2.17
N1 FAD D . 23.37 -6.29 -1.93
C2 FAD D . 22.22 -5.72 -2.60
O2 FAD D . 22.14 -5.89 -3.82
N3 FAD D . 21.27 -5.04 -1.89
C4 FAD D . 21.39 -4.86 -0.52
O4 FAD D . 20.57 -4.26 0.13
C4X FAD D . 22.58 -5.45 0.16
N5 FAD D . 22.76 -5.34 1.44
C5X FAD D . 23.84 -5.87 2.09
C6 FAD D . 23.96 -5.71 3.50
C7 FAD D . 25.07 -6.24 4.22
C7M FAD D . 25.13 -6.04 5.74
C8 FAD D . 26.07 -6.97 3.48
C8M FAD D . 27.32 -7.61 4.14
C9 FAD D . 25.95 -7.13 2.08
C9A FAD D . 24.84 -6.60 1.34
N10 FAD D . 24.67 -6.74 -0.05
C10 FAD D . 23.60 -6.20 -0.65
C1' FAD D . 25.59 -7.47 -0.94
C2' FAD D . 25.14 -8.98 -0.99
O2' FAD D . 25.32 -9.58 0.30
C3' FAD D . 26.00 -9.83 -1.95
O3' FAD D . 27.38 -9.72 -1.56
C4' FAD D . 25.87 -9.36 -3.42
O4' FAD D . 24.51 -9.44 -3.89
C5' FAD D . 26.73 -10.24 -4.34
O5' FAD D . 26.31 -11.53 -4.26
P FAD D . 26.34 -12.66 -5.21
O1P FAD D . 25.92 -13.91 -4.52
O2P FAD D . 25.44 -12.36 -6.34
O3P FAD D . 27.78 -12.77 -5.65
PA FAD E . -22.75 -20.92 -2.51
O1A FAD E . -22.98 -20.59 -3.95
O2A FAD E . -21.92 -22.15 -2.40
O5B FAD E . -24.06 -21.10 -1.82
C5B FAD E . -25.04 -19.84 -1.87
C4B FAD E . -26.34 -20.20 -2.61
O4B FAD E . -27.28 -20.86 -1.75
C3B FAD E . -27.11 -18.93 -3.09
O3B FAD E . -26.66 -18.42 -4.37
C2B FAD E . -28.56 -19.47 -3.23
O2B FAD E . -28.81 -19.89 -4.58
C1B FAD E . -28.60 -20.71 -2.29
N9A FAD E . -29.63 -20.41 -1.24
C8A FAD E . -30.14 -21.50 -0.62
N7A FAD E . -30.16 -21.37 0.66
C5A FAD E . -29.67 -20.19 1.06
C6A FAD E . -29.51 -19.60 2.33
N6A FAD E . -29.87 -20.24 3.46
N1A FAD E . -28.94 -18.34 2.33
C2A FAD E . -28.58 -17.70 1.16
N3A FAD E . -28.76 -18.30 -0.06
C4A FAD E . -29.32 -19.57 -0.12
N1 FAD E . -20.64 -11.26 -1.98
C2 FAD E . -19.67 -10.67 -1.08
O2 FAD E . -19.39 -11.31 -0.06
N3 FAD E . -19.11 -9.46 -1.35
C4 FAD E . -19.43 -8.77 -2.50
O4 FAD E . -18.94 -7.69 -2.77
C4X FAD E . -20.43 -9.36 -3.42
N5 FAD E . -20.80 -8.76 -4.52
C5X FAD E . -21.71 -9.29 -5.40
C6 FAD E . -22.04 -8.57 -6.57
C7 FAD E . -22.98 -9.09 -7.51
C7M FAD E . -23.30 -8.28 -8.78
C8 FAD E . -23.60 -10.36 -7.25
C8M FAD E . -24.63 -11.03 -8.18
C9 FAD E . -23.26 -11.08 -6.07
C9A FAD E . -22.31 -10.58 -5.11
N10 FAD E . -21.94 -11.24 -3.93
C10 FAD E . -21.03 -10.69 -3.09
C1' FAD E . -22.45 -12.56 -3.51
C2' FAD E . -21.52 -13.66 -4.15
O2' FAD E . -21.70 -13.67 -5.58
C3' FAD E . -21.92 -15.09 -3.70
O3' FAD E . -23.31 -15.32 -4.04
C4' FAD E . -21.75 -15.29 -2.18
O4' FAD E . -20.38 -15.09 -1.75
C5' FAD E . -22.11 -16.73 -1.80
O5' FAD E . -21.30 -17.60 -2.45
P FAD E . -20.81 -18.96 -2.15
O1P FAD E . -20.10 -19.51 -3.34
O2P FAD E . -19.92 -18.91 -0.97
O3P FAD E . -22.04 -19.76 -1.88
#